data_5WFU
#
_entry.id   5WFU
#
_cell.length_a   256.392
_cell.length_b   85.604
_cell.length_c   56.066
_cell.angle_alpha   90.00
_cell.angle_beta   101.73
_cell.angle_gamma   90.00
#
_symmetry.space_group_name_H-M   'C 1 2 1'
#
loop_
_entity.id
_entity.type
_entity.pdbx_description
1 polymer '14-3-3 protein beta/alpha'
2 non-polymer D-MALATE
3 water water
#
_entity_poly.entity_id   1
_entity_poly.type   'polypeptide(L)'
_entity_poly.pdbx_seq_one_letter_code
;MTMDKSELVQKAKLAEQAERYDDMAAAMKAVTEQGHELSNEERNLLSVAYKNVVGARRSSWRVISSIEQKTERNEKKQQM
GKEYREKIEAELQDICNDVLELLDKYLILNATQAESKVFYLKMKGDYFRYLSEVASGENKQTTVSNSQQAYQEAFEISKK
EMQPTHPIRLGLALNFSVFYYEILNSPEKACSLAKTAFDEAIAELDTLNEESYKDSTLIMQLLRDNLTLWTSENQGDEGD
AGEGEN
;
_entity_poly.pdbx_strand_id   A,B,C,D
#
# COMPACT_ATOMS: atom_id res chain seq x y z
N MET A 1 -23.47 -25.36 -34.63
CA MET A 1 -24.69 -24.84 -34.01
C MET A 1 -25.72 -24.57 -35.13
N THR A 2 -26.92 -24.41 -34.64
CA THR A 2 -28.12 -24.26 -35.41
C THR A 2 -28.40 -22.78 -35.59
N MET A 3 -27.57 -21.92 -34.98
CA MET A 3 -27.62 -20.47 -35.19
C MET A 3 -27.18 -20.14 -36.59
N ASP A 4 -27.70 -19.04 -37.09
CA ASP A 4 -27.29 -18.52 -38.42
C ASP A 4 -25.75 -18.27 -38.50
N LYS A 5 -25.11 -18.75 -39.56
CA LYS A 5 -23.67 -18.62 -39.71
C LYS A 5 -23.24 -17.16 -39.71
N SER A 6 -23.99 -16.29 -40.40
CA SER A 6 -23.56 -14.89 -40.47
C SER A 6 -23.63 -14.22 -39.10
N GLU A 7 -24.61 -14.58 -38.30
CA GLU A 7 -24.72 -14.10 -36.92
C GLU A 7 -23.55 -14.61 -36.04
N LEU A 8 -23.22 -15.89 -36.14
CA LEU A 8 -22.05 -16.45 -35.43
C LEU A 8 -20.74 -15.78 -35.83
N VAL A 9 -20.58 -15.50 -37.12
CA VAL A 9 -19.42 -14.84 -37.55
C VAL A 9 -19.39 -13.39 -36.96
N GLN A 10 -20.50 -12.70 -37.01
CA GLN A 10 -20.50 -11.37 -36.46
C GLN A 10 -20.20 -11.37 -34.94
N LYS A 11 -20.74 -12.34 -34.23
CA LYS A 11 -20.39 -12.52 -32.82
C LYS A 11 -18.92 -12.81 -32.56
N ALA A 12 -18.32 -13.59 -33.42
CA ALA A 12 -16.91 -13.83 -33.29
C ALA A 12 -16.12 -12.54 -33.40
N LYS A 13 -16.49 -11.71 -34.37
CA LYS A 13 -15.82 -10.43 -34.57
C LYS A 13 -15.98 -9.45 -33.42
N LEU A 14 -17.15 -9.43 -32.87
CA LEU A 14 -17.41 -8.62 -31.69
C LEU A 14 -16.60 -9.11 -30.47
N ALA A 15 -16.61 -10.42 -30.26
CA ALA A 15 -15.85 -11.06 -29.18
C ALA A 15 -14.33 -10.71 -29.27
N GLU A 16 -13.79 -10.76 -30.50
CA GLU A 16 -12.43 -10.38 -30.74
C GLU A 16 -12.20 -8.94 -30.25
N GLN A 17 -13.04 -8.01 -30.69
CA GLN A 17 -12.90 -6.59 -30.25
C GLN A 17 -13.01 -6.43 -28.73
N ALA A 18 -13.90 -7.20 -28.11
CA ALA A 18 -14.06 -7.18 -26.67
C ALA A 18 -12.92 -7.93 -25.91
N GLU A 19 -12.01 -8.53 -26.65
CA GLU A 19 -10.98 -9.42 -26.08
C GLU A 19 -11.59 -10.54 -25.26
N ARG A 20 -12.63 -11.15 -25.80
CA ARG A 20 -13.33 -12.29 -25.14
C ARG A 20 -13.07 -13.50 -26.05
N TYR A 21 -11.82 -14.00 -25.98
CA TYR A 21 -11.38 -14.97 -26.96
C TYR A 21 -11.99 -16.34 -26.76
N ASP A 22 -12.41 -16.66 -25.53
CA ASP A 22 -13.16 -17.89 -25.33
C ASP A 22 -14.48 -17.84 -26.07
N ASP A 23 -15.18 -16.71 -26.03
CA ASP A 23 -16.40 -16.53 -26.85
C ASP A 23 -16.13 -16.62 -28.34
N MET A 24 -15.04 -15.96 -28.77
CA MET A 24 -14.65 -15.99 -30.19
C MET A 24 -14.48 -17.41 -30.69
N ALA A 25 -13.79 -18.21 -29.90
CA ALA A 25 -13.54 -19.61 -30.24
C ALA A 25 -14.83 -20.46 -30.25
N ALA A 26 -15.69 -20.22 -29.29
CA ALA A 26 -17.01 -20.92 -29.24
C ALA A 26 -17.82 -20.58 -30.48
N ALA A 27 -17.84 -19.29 -30.89
CA ALA A 27 -18.56 -18.88 -32.12
C ALA A 27 -18.01 -19.59 -33.32
N MET A 28 -16.68 -19.65 -33.48
CA MET A 28 -16.11 -20.24 -34.66
C MET A 28 -16.19 -21.76 -34.64
N LYS A 29 -16.12 -22.39 -33.46
CA LYS A 29 -16.36 -23.81 -33.34
C LYS A 29 -17.79 -24.13 -33.82
N ALA A 30 -18.76 -23.33 -33.45
CA ALA A 30 -20.13 -23.48 -33.91
C ALA A 30 -20.27 -23.34 -35.41
N VAL A 31 -19.57 -22.37 -36.00
CA VAL A 31 -19.56 -22.24 -37.45
C VAL A 31 -18.99 -23.52 -38.08
N THR A 32 -17.85 -23.97 -37.58
CA THR A 32 -17.20 -25.18 -38.10
C THR A 32 -18.12 -26.41 -38.09
N GLU A 33 -18.83 -26.53 -36.99
CA GLU A 33 -19.75 -27.65 -36.79
C GLU A 33 -20.97 -27.64 -37.70
N GLN A 34 -21.18 -26.56 -38.42
CA GLN A 34 -22.20 -26.58 -39.49
C GLN A 34 -21.78 -27.44 -40.66
N GLY A 35 -20.49 -27.78 -40.75
CA GLY A 35 -20.03 -28.81 -41.66
C GLY A 35 -19.84 -28.33 -43.11
N HIS A 36 -19.71 -27.03 -43.32
CA HIS A 36 -19.30 -26.46 -44.60
C HIS A 36 -17.89 -26.05 -44.57
N GLU A 37 -17.27 -26.01 -45.74
CA GLU A 37 -15.92 -25.54 -45.87
C GLU A 37 -15.86 -24.08 -45.45
N LEU A 38 -14.89 -23.67 -44.62
CA LEU A 38 -14.80 -22.32 -44.12
C LEU A 38 -14.24 -21.49 -45.24
N SER A 39 -14.69 -20.24 -45.32
CA SER A 39 -14.04 -19.23 -46.13
C SER A 39 -12.68 -18.84 -45.55
N ASN A 40 -11.90 -18.12 -46.34
CA ASN A 40 -10.62 -17.63 -45.83
C ASN A 40 -10.79 -16.75 -44.60
N GLU A 41 -11.78 -15.88 -44.62
CA GLU A 41 -12.03 -15.02 -43.47
C GLU A 41 -12.39 -15.86 -42.22
N GLU A 42 -13.29 -16.81 -42.39
CA GLU A 42 -13.73 -17.69 -41.27
C GLU A 42 -12.57 -18.51 -40.73
N ARG A 43 -11.76 -19.07 -41.59
CA ARG A 43 -10.61 -19.87 -41.18
C ARG A 43 -9.62 -19.09 -40.35
N ASN A 44 -9.41 -17.84 -40.78
CA ASN A 44 -8.57 -16.95 -40.04
C ASN A 44 -9.14 -16.57 -38.68
N LEU A 45 -10.42 -16.32 -38.59
CA LEU A 45 -11.03 -16.04 -37.31
C LEU A 45 -10.88 -17.26 -36.37
N LEU A 46 -11.10 -18.48 -36.88
CA LEU A 46 -10.99 -19.69 -36.05
C LEU A 46 -9.58 -19.79 -35.49
N SER A 47 -8.62 -19.61 -36.38
CA SER A 47 -7.23 -19.73 -36.06
C SER A 47 -6.78 -18.68 -35.04
N VAL A 48 -7.19 -17.44 -35.21
CA VAL A 48 -6.85 -16.40 -34.23
C VAL A 48 -7.50 -16.63 -32.86
N ALA A 49 -8.76 -17.07 -32.87
CA ALA A 49 -9.49 -17.30 -31.63
C ALA A 49 -8.76 -18.35 -30.80
N TYR A 50 -8.49 -19.52 -31.38
CA TYR A 50 -7.87 -20.57 -30.61
C TYR A 50 -6.43 -20.30 -30.27
N LYS A 51 -5.71 -19.57 -31.14
CA LYS A 51 -4.37 -19.15 -30.76
C LYS A 51 -4.35 -18.38 -29.49
N ASN A 52 -5.24 -17.42 -29.37
CA ASN A 52 -5.36 -16.58 -28.19
C ASN A 52 -5.86 -17.31 -26.96
N VAL A 53 -6.79 -18.25 -27.14
CA VAL A 53 -7.31 -19.06 -26.01
C VAL A 53 -6.17 -19.92 -25.47
N VAL A 54 -5.50 -20.64 -26.35
CA VAL A 54 -4.42 -21.53 -25.94
C VAL A 54 -3.20 -20.73 -25.42
N GLY A 55 -2.97 -19.58 -26.04
CA GLY A 55 -1.90 -18.69 -25.63
C GLY A 55 -2.03 -18.28 -24.17
N ALA A 56 -3.24 -17.92 -23.76
CA ALA A 56 -3.46 -17.51 -22.36
C ALA A 56 -3.13 -18.68 -21.39
N ARG A 57 -3.58 -19.88 -21.70
CA ARG A 57 -3.31 -21.05 -20.84
C ARG A 57 -1.81 -21.41 -20.82
N ARG A 58 -1.10 -21.23 -21.95
CA ARG A 58 0.32 -21.52 -22.03
C ARG A 58 1.08 -20.57 -21.16
N SER A 59 0.74 -19.30 -21.20
CA SER A 59 1.38 -18.30 -20.37
C SER A 59 1.15 -18.56 -18.88
N SER A 60 -0.09 -18.92 -18.50
CA SER A 60 -0.38 -19.24 -17.10
C SER A 60 0.41 -20.51 -16.68
N TRP A 61 0.48 -21.51 -17.55
CA TRP A 61 1.14 -22.71 -17.27
C TRP A 61 2.64 -22.45 -17.04
N ARG A 62 3.24 -21.58 -17.85
CA ARG A 62 4.65 -21.21 -17.65
C ARG A 62 4.90 -20.54 -16.34
N VAL A 63 4.01 -19.60 -15.95
CA VAL A 63 4.14 -18.90 -14.67
C VAL A 63 4.05 -19.89 -13.50
N ILE A 64 3.01 -20.71 -13.52
CA ILE A 64 2.80 -21.65 -12.42
C ILE A 64 3.83 -22.76 -12.39
N SER A 65 4.25 -23.27 -13.54
CA SER A 65 5.34 -24.24 -13.59
C SER A 65 6.60 -23.74 -12.95
N SER A 66 6.98 -22.49 -13.20
CA SER A 66 8.16 -21.90 -12.56
C SER A 66 8.06 -21.94 -11.06
N ILE A 67 6.93 -21.49 -10.52
CA ILE A 67 6.65 -21.51 -9.06
C ILE A 67 6.75 -22.91 -8.49
N GLU A 68 6.14 -23.87 -9.16
CA GLU A 68 6.12 -25.25 -8.72
C GLU A 68 7.52 -25.90 -8.69
N GLN A 69 8.35 -25.59 -9.67
CA GLN A 69 9.75 -25.98 -9.62
C GLN A 69 10.23 -24.86 -8.67
N LYS A 70 11.44 -24.81 -8.24
CA LYS A 70 11.76 -23.84 -7.19
C LYS A 70 11.37 -24.49 -5.85
N THR A 71 12.40 -24.98 -5.16
CA THR A 71 12.23 -25.92 -4.07
C THR A 71 11.38 -25.26 -2.99
N GLU A 72 10.42 -26.04 -2.49
CA GLU A 72 9.32 -25.63 -1.63
C GLU A 72 9.23 -26.59 -0.44
N ARG A 73 9.71 -26.10 0.72
CA ARG A 73 9.61 -26.87 1.97
C ARG A 73 8.21 -26.84 2.60
N ASN A 74 7.45 -25.79 2.30
CA ASN A 74 6.12 -25.59 2.85
C ASN A 74 5.15 -26.49 2.10
N GLU A 75 4.57 -27.39 2.84
CA GLU A 75 3.86 -28.50 2.32
C GLU A 75 2.64 -28.02 1.50
N LYS A 76 1.88 -27.05 2.01
CA LYS A 76 0.64 -26.63 1.35
C LYS A 76 0.92 -25.73 0.15
N LYS A 77 1.90 -24.83 0.26
CA LYS A 77 2.30 -24.06 -0.92
C LYS A 77 2.75 -25.00 -2.03
N GLN A 78 3.56 -26.03 -1.71
CA GLN A 78 4.04 -26.96 -2.73
C GLN A 78 2.92 -27.74 -3.36
N GLN A 79 2.11 -28.37 -2.54
CA GLN A 79 1.07 -29.24 -3.07
C GLN A 79 0.06 -28.43 -3.89
N MET A 80 -0.27 -27.20 -3.49
CA MET A 80 -1.29 -26.41 -4.23
C MET A 80 -0.68 -25.90 -5.54
N GLY A 81 0.62 -25.60 -5.55
CA GLY A 81 1.37 -25.23 -6.80
C GLY A 81 1.30 -26.33 -7.83
N LYS A 82 1.52 -27.54 -7.37
CA LYS A 82 1.49 -28.71 -8.26
C LYS A 82 0.04 -29.00 -8.73
N GLU A 83 -0.92 -28.98 -7.82
CA GLU A 83 -2.28 -29.19 -8.22
C GLU A 83 -2.79 -28.14 -9.18
N TYR A 84 -2.44 -26.89 -8.97
CA TYR A 84 -2.88 -25.83 -9.84
C TYR A 84 -2.25 -25.95 -11.24
N ARG A 85 -0.97 -26.28 -11.28
CA ARG A 85 -0.28 -26.52 -12.54
C ARG A 85 -0.96 -27.64 -13.30
N GLU A 86 -1.31 -28.71 -12.60
CA GLU A 86 -2.02 -29.80 -13.21
C GLU A 86 -3.38 -29.40 -13.76
N LYS A 87 -4.12 -28.57 -13.02
CA LYS A 87 -5.41 -28.06 -13.48
C LYS A 87 -5.26 -27.24 -14.76
N ILE A 88 -4.30 -26.29 -14.81
CA ILE A 88 -4.03 -25.55 -16.02
C ILE A 88 -3.62 -26.46 -17.16
N GLU A 89 -2.74 -27.42 -16.92
CA GLU A 89 -2.35 -28.39 -17.94
C GLU A 89 -3.52 -29.11 -18.55
N ALA A 90 -4.43 -29.59 -17.72
CA ALA A 90 -5.59 -30.29 -18.23
C ALA A 90 -6.47 -29.38 -19.07
N GLU A 91 -6.62 -28.11 -18.69
CA GLU A 91 -7.40 -27.14 -19.44
C GLU A 91 -6.80 -26.92 -20.80
N LEU A 92 -5.49 -26.77 -20.85
CA LEU A 92 -4.77 -26.63 -22.08
C LEU A 92 -4.91 -27.84 -22.98
N GLN A 93 -4.78 -29.04 -22.43
CA GLN A 93 -4.96 -30.25 -23.18
C GLN A 93 -6.35 -30.32 -23.74
N ASP A 94 -7.35 -29.96 -22.96
CA ASP A 94 -8.72 -30.02 -23.43
C ASP A 94 -8.93 -29.07 -24.65
N ILE A 95 -8.36 -27.89 -24.59
CA ILE A 95 -8.46 -26.93 -25.71
C ILE A 95 -7.81 -27.52 -26.94
N CYS A 96 -6.57 -28.02 -26.81
CA CYS A 96 -5.88 -28.58 -27.97
C CYS A 96 -6.61 -29.77 -28.54
N ASN A 97 -7.13 -30.63 -27.68
CA ASN A 97 -7.88 -31.78 -28.12
C ASN A 97 -9.17 -31.36 -28.85
N ASP A 98 -9.82 -30.30 -28.40
CA ASP A 98 -11.01 -29.80 -29.09
C ASP A 98 -10.64 -29.35 -30.50
N VAL A 99 -9.54 -28.61 -30.62
CA VAL A 99 -9.07 -28.18 -31.97
C VAL A 99 -8.72 -29.34 -32.86
N LEU A 100 -7.97 -30.29 -32.33
CA LEU A 100 -7.63 -31.52 -33.06
C LEU A 100 -8.81 -32.32 -33.54
N GLU A 101 -9.83 -32.37 -32.70
CA GLU A 101 -11.11 -33.00 -33.10
C GLU A 101 -11.85 -32.23 -34.19
N LEU A 102 -11.89 -30.89 -34.12
CA LEU A 102 -12.40 -30.11 -35.25
C LEU A 102 -11.65 -30.37 -36.51
N LEU A 103 -10.34 -30.43 -36.41
CA LEU A 103 -9.52 -30.67 -37.60
C LEU A 103 -9.83 -32.04 -38.23
N ASP A 104 -9.89 -33.06 -37.38
CA ASP A 104 -10.05 -34.39 -37.88
C ASP A 104 -11.46 -34.64 -38.33
N LYS A 105 -12.44 -34.08 -37.67
CA LYS A 105 -13.84 -34.32 -38.03
C LYS A 105 -14.43 -33.46 -39.13
N TYR A 106 -14.04 -32.18 -39.18
CA TYR A 106 -14.63 -31.28 -40.14
C TYR A 106 -13.59 -30.65 -41.10
N LEU A 107 -12.54 -30.05 -40.56
CA LEU A 107 -11.75 -29.15 -41.35
C LEU A 107 -10.90 -29.86 -42.41
N ILE A 108 -10.13 -30.87 -42.01
CA ILE A 108 -9.27 -31.55 -42.95
C ILE A 108 -10.13 -32.32 -43.97
N LEU A 109 -11.05 -33.13 -43.54
CA LEU A 109 -11.82 -33.87 -44.55
C LEU A 109 -12.74 -33.03 -45.47
N ASN A 110 -13.20 -31.88 -45.03
CA ASN A 110 -13.96 -31.02 -45.96
C ASN A 110 -13.11 -30.11 -46.83
N ALA A 111 -11.79 -30.19 -46.71
CA ALA A 111 -10.95 -29.23 -47.44
C ALA A 111 -10.84 -29.72 -48.87
N THR A 112 -11.18 -28.91 -49.84
CA THR A 112 -11.23 -29.38 -51.23
C THR A 112 -10.08 -28.87 -52.11
N GLN A 113 -9.27 -27.98 -51.60
CA GLN A 113 -8.14 -27.47 -52.34
C GLN A 113 -6.87 -27.60 -51.52
N ALA A 114 -5.74 -27.64 -52.21
CA ALA A 114 -4.46 -27.94 -51.57
C ALA A 114 -4.07 -26.91 -50.54
N GLU A 115 -4.35 -25.64 -50.80
CA GLU A 115 -3.98 -24.62 -49.90
C GLU A 115 -4.64 -24.73 -48.52
N SER A 116 -5.93 -25.03 -48.53
CA SER A 116 -6.70 -25.27 -47.28
C SER A 116 -6.23 -26.50 -46.57
N LYS A 117 -5.99 -27.55 -47.31
CA LYS A 117 -5.51 -28.73 -46.72
C LYS A 117 -4.16 -28.50 -45.98
N VAL A 118 -3.25 -27.80 -46.66
CA VAL A 118 -1.98 -27.44 -46.06
C VAL A 118 -2.19 -26.58 -44.81
N PHE A 119 -3.08 -25.59 -44.87
CA PHE A 119 -3.38 -24.73 -43.72
C PHE A 119 -3.82 -25.55 -42.48
N TYR A 120 -4.69 -26.50 -42.71
CA TYR A 120 -5.23 -27.31 -41.59
C TYR A 120 -4.23 -28.33 -41.10
N LEU A 121 -3.49 -28.95 -42.02
CA LEU A 121 -2.44 -29.90 -41.56
C LEU A 121 -1.34 -29.19 -40.78
N LYS A 122 -1.00 -27.97 -41.18
CA LYS A 122 -0.13 -27.15 -40.40
C LYS A 122 -0.67 -26.85 -38.97
N MET A 123 -1.94 -26.51 -38.90
CA MET A 123 -2.57 -26.29 -37.62
C MET A 123 -2.56 -27.56 -36.74
N LYS A 124 -2.79 -28.71 -37.32
CA LYS A 124 -2.69 -29.98 -36.59
C LYS A 124 -1.28 -30.09 -36.03
N GLY A 125 -0.27 -29.79 -36.86
CA GLY A 125 1.08 -29.83 -36.33
C GLY A 125 1.30 -28.88 -35.18
N ASP A 126 0.77 -27.67 -35.32
CA ASP A 126 0.87 -26.64 -34.25
C ASP A 126 0.21 -27.07 -32.98
N TYR A 127 -0.96 -27.69 -33.06
CA TYR A 127 -1.69 -28.07 -31.81
C TYR A 127 -1.06 -29.34 -31.12
N PHE A 128 -0.55 -30.28 -31.91
CA PHE A 128 0.27 -31.36 -31.33
C PHE A 128 1.55 -30.81 -30.68
N ARG A 129 2.13 -29.76 -31.28
CA ARG A 129 3.28 -29.12 -30.69
C ARG A 129 2.92 -28.49 -29.35
N TYR A 130 1.80 -27.78 -29.28
CA TYR A 130 1.38 -27.24 -27.98
C TYR A 130 1.17 -28.35 -26.96
N LEU A 131 0.51 -29.45 -27.36
CA LEU A 131 0.35 -30.57 -26.44
C LEU A 131 1.69 -31.12 -25.97
N SER A 132 2.67 -31.20 -26.87
CA SER A 132 4.04 -31.67 -26.53
C SER A 132 4.68 -30.91 -25.41
N GLU A 133 4.45 -29.61 -25.39
CA GLU A 133 5.15 -28.76 -24.43
C GLU A 133 4.78 -29.12 -23.01
N VAL A 134 3.61 -29.73 -22.82
CA VAL A 134 3.20 -30.05 -21.47
C VAL A 134 3.13 -31.55 -21.23
N ALA A 135 3.46 -32.35 -22.24
CA ALA A 135 3.31 -33.77 -22.11
C ALA A 135 4.54 -34.31 -21.35
N SER A 136 4.39 -35.46 -20.77
CA SER A 136 5.54 -36.24 -20.24
C SER A 136 5.47 -37.71 -20.67
N GLY A 137 6.57 -38.40 -20.42
CA GLY A 137 6.66 -39.85 -20.65
C GLY A 137 6.42 -40.28 -22.08
N GLU A 138 5.66 -41.35 -22.24
CA GLU A 138 5.39 -41.88 -23.57
C GLU A 138 4.47 -40.98 -24.35
N ASN A 139 3.57 -40.33 -23.64
CA ASN A 139 2.68 -39.43 -24.31
C ASN A 139 3.47 -38.30 -24.96
N LYS A 140 4.59 -37.90 -24.41
CA LYS A 140 5.39 -36.87 -25.05
C LYS A 140 5.97 -37.30 -26.40
N GLN A 141 6.55 -38.48 -26.46
CA GLN A 141 7.07 -38.97 -27.72
C GLN A 141 5.95 -39.07 -28.77
N THR A 142 4.75 -39.47 -28.34
CA THR A 142 3.63 -39.61 -29.23
C THR A 142 3.17 -38.27 -29.82
N THR A 143 3.07 -37.25 -28.98
CA THR A 143 2.62 -35.94 -29.45
C THR A 143 3.65 -35.31 -30.39
N VAL A 144 4.93 -35.48 -30.05
CA VAL A 144 6.01 -34.93 -30.85
C VAL A 144 5.99 -35.56 -32.22
N SER A 145 5.86 -36.87 -32.24
CA SER A 145 5.75 -37.60 -33.45
C SER A 145 4.53 -37.25 -34.31
N ASN A 146 3.40 -37.06 -33.69
CA ASN A 146 2.23 -36.62 -34.39
C ASN A 146 2.37 -35.20 -34.97
N SER A 147 3.03 -34.32 -34.25
CA SER A 147 3.22 -32.98 -34.73
C SER A 147 4.10 -33.06 -35.98
N GLN A 148 5.24 -33.75 -35.88
CA GLN A 148 6.15 -33.89 -37.03
C GLN A 148 5.45 -34.49 -38.23
N GLN A 149 4.66 -35.52 -38.01
CA GLN A 149 3.94 -36.17 -39.08
C GLN A 149 2.95 -35.25 -39.80
N ALA A 150 2.25 -34.42 -39.05
CA ALA A 150 1.24 -33.47 -39.65
C ALA A 150 1.97 -32.39 -40.43
N TYR A 151 3.01 -31.82 -39.84
CA TYR A 151 3.83 -30.83 -40.55
C TYR A 151 4.49 -31.41 -41.84
N GLN A 152 4.97 -32.63 -41.77
CA GLN A 152 5.58 -33.28 -42.93
C GLN A 152 4.55 -33.54 -44.07
N GLU A 153 3.36 -33.96 -43.71
CA GLU A 153 2.30 -34.20 -44.64
C GLU A 153 1.92 -32.91 -45.32
N ALA A 154 1.70 -31.84 -44.53
CA ALA A 154 1.45 -30.49 -45.07
C ALA A 154 2.51 -30.03 -46.04
N PHE A 155 3.77 -30.27 -45.64
CA PHE A 155 4.89 -29.80 -46.38
C PHE A 155 5.04 -30.45 -47.74
N GLU A 156 4.86 -31.74 -47.80
CA GLU A 156 4.89 -32.45 -49.11
C GLU A 156 3.79 -32.01 -50.04
N ILE A 157 2.57 -31.85 -49.51
CA ILE A 157 1.49 -31.24 -50.33
C ILE A 157 1.84 -29.83 -50.83
N SER A 158 2.39 -28.99 -49.96
CA SER A 158 2.71 -27.63 -50.32
C SER A 158 3.78 -27.60 -51.42
N LYS A 159 4.73 -28.50 -51.34
CA LYS A 159 5.78 -28.53 -52.41
C LYS A 159 5.27 -28.99 -53.74
N LYS A 160 4.29 -29.88 -53.72
CA LYS A 160 3.72 -30.34 -54.96
C LYS A 160 2.73 -29.38 -55.53
N GLU A 161 1.97 -28.65 -54.71
CA GLU A 161 0.80 -27.95 -55.20
C GLU A 161 0.88 -26.46 -55.08
N MET A 162 1.80 -25.90 -54.31
CA MET A 162 1.76 -24.49 -54.07
C MET A 162 3.03 -23.79 -54.48
N GLN A 163 2.93 -22.51 -54.79
CA GLN A 163 4.16 -21.76 -55.05
C GLN A 163 4.98 -21.51 -53.80
N PRO A 164 6.30 -21.47 -54.00
CA PRO A 164 7.18 -21.31 -52.85
C PRO A 164 7.10 -20.01 -52.15
N THR A 165 6.53 -19.01 -52.84
CA THR A 165 6.26 -17.72 -52.23
C THR A 165 4.86 -17.61 -51.61
N HIS A 166 4.05 -18.68 -51.71
CA HIS A 166 2.71 -18.57 -51.09
C HIS A 166 2.83 -18.39 -49.60
N PRO A 167 2.17 -17.39 -49.01
CA PRO A 167 2.35 -17.13 -47.57
C PRO A 167 2.00 -18.29 -46.66
N ILE A 168 1.08 -19.16 -47.07
CA ILE A 168 0.73 -20.34 -46.25
C ILE A 168 1.86 -21.36 -46.29
N ARG A 169 2.46 -21.59 -47.47
CA ARG A 169 3.62 -22.42 -47.58
C ARG A 169 4.77 -21.86 -46.79
N LEU A 170 5.00 -20.57 -46.87
CA LEU A 170 6.07 -19.97 -46.13
C LEU A 170 5.87 -20.05 -44.61
N GLY A 171 4.64 -19.83 -44.16
CA GLY A 171 4.31 -19.88 -42.78
C GLY A 171 4.48 -21.30 -42.22
N LEU A 172 4.16 -22.31 -43.04
CA LEU A 172 4.44 -23.68 -42.66
C LEU A 172 5.90 -23.96 -42.48
N ALA A 173 6.75 -23.53 -43.43
CA ALA A 173 8.16 -23.69 -43.28
C ALA A 173 8.70 -23.01 -42.03
N LEU A 174 8.21 -21.81 -41.75
CA LEU A 174 8.61 -21.11 -40.54
C LEU A 174 8.29 -21.97 -39.31
N ASN A 175 7.02 -22.37 -39.18
CA ASN A 175 6.63 -23.13 -38.02
C ASN A 175 7.33 -24.48 -37.92
N PHE A 176 7.51 -25.19 -39.03
CA PHE A 176 8.10 -26.51 -39.05
C PHE A 176 9.58 -26.39 -38.66
N SER A 177 10.27 -25.37 -39.19
CA SER A 177 11.70 -25.19 -38.85
C SER A 177 11.85 -24.86 -37.35
N VAL A 178 10.96 -24.02 -36.86
CA VAL A 178 10.95 -23.69 -35.45
C VAL A 178 10.59 -24.90 -34.52
N PHE A 179 9.68 -25.75 -34.96
CA PHE A 179 9.45 -27.07 -34.36
C PHE A 179 10.78 -27.90 -34.23
N TYR A 180 11.54 -27.96 -35.28
CA TYR A 180 12.79 -28.71 -35.19
C TYR A 180 13.75 -28.08 -34.20
N TYR A 181 13.84 -26.75 -34.26
CA TYR A 181 14.75 -26.02 -33.39
C TYR A 181 14.37 -26.12 -31.92
N GLU A 182 13.11 -25.83 -31.64
CA GLU A 182 12.62 -25.65 -30.27
C GLU A 182 12.11 -26.93 -29.66
N ILE A 183 11.48 -27.82 -30.41
CA ILE A 183 10.88 -29.02 -29.82
C ILE A 183 11.81 -30.22 -29.96
N LEU A 184 12.40 -30.41 -31.15
CA LEU A 184 13.31 -31.52 -31.33
C LEU A 184 14.76 -31.18 -30.99
N ASN A 185 15.03 -29.94 -30.59
CA ASN A 185 16.39 -29.44 -30.27
C ASN A 185 17.37 -29.79 -31.39
N SER A 186 16.99 -29.55 -32.66
CA SER A 186 17.83 -29.93 -33.78
C SER A 186 18.06 -28.72 -34.66
N PRO A 187 18.98 -27.90 -34.28
CA PRO A 187 19.29 -26.72 -35.13
C PRO A 187 19.73 -27.05 -36.54
N GLU A 188 20.40 -28.18 -36.73
CA GLU A 188 20.77 -28.60 -38.10
C GLU A 188 19.59 -28.81 -39.00
N LYS A 189 18.63 -29.58 -38.53
CA LYS A 189 17.40 -29.81 -39.37
C LYS A 189 16.62 -28.52 -39.54
N ALA A 190 16.57 -27.75 -38.48
CA ALA A 190 15.87 -26.47 -38.53
C ALA A 190 16.44 -25.57 -39.63
N CYS A 191 17.76 -25.44 -39.66
CA CYS A 191 18.45 -24.62 -40.70
C CYS A 191 18.26 -25.19 -42.08
N SER A 192 18.38 -26.48 -42.19
CA SER A 192 18.29 -27.13 -43.49
C SER A 192 16.90 -26.86 -44.09
N LEU A 193 15.87 -26.98 -43.29
CA LEU A 193 14.52 -26.75 -43.77
C LEU A 193 14.28 -25.28 -44.12
N ALA A 194 14.61 -24.40 -43.21
CA ALA A 194 14.40 -22.95 -43.42
C ALA A 194 15.21 -22.45 -44.67
N LYS A 195 16.39 -22.99 -44.84
CA LYS A 195 17.24 -22.60 -45.97
C LYS A 195 16.66 -22.96 -47.31
N THR A 196 16.22 -24.22 -47.44
CA THR A 196 15.54 -24.63 -48.65
C THR A 196 14.31 -23.83 -48.93
N ALA A 197 13.47 -23.63 -47.93
CA ALA A 197 12.20 -22.91 -48.17
C ALA A 197 12.47 -21.44 -48.58
N PHE A 198 13.48 -20.86 -47.94
CA PHE A 198 13.88 -19.47 -48.22
C PHE A 198 14.45 -19.33 -49.61
N ASP A 199 15.38 -20.22 -49.96
CA ASP A 199 15.99 -20.23 -51.29
C ASP A 199 14.96 -20.49 -52.36
N GLU A 200 14.05 -21.44 -52.17
CA GLU A 200 13.01 -21.66 -53.19
C GLU A 200 12.13 -20.46 -53.46
N ALA A 201 11.79 -19.73 -52.41
CA ALA A 201 10.98 -18.56 -52.57
C ALA A 201 11.76 -17.42 -53.26
N ILE A 202 13.02 -17.24 -52.87
CA ILE A 202 13.92 -16.26 -53.50
C ILE A 202 13.98 -16.50 -55.00
N ALA A 203 14.07 -17.75 -55.44
CA ALA A 203 14.13 -18.09 -56.85
C ALA A 203 12.92 -17.65 -57.62
N GLU A 204 11.84 -17.27 -56.95
CA GLU A 204 10.62 -16.81 -57.62
C GLU A 204 10.17 -15.38 -57.21
N LEU A 205 11.05 -14.54 -56.70
CA LEU A 205 10.75 -13.12 -56.58
C LEU A 205 10.32 -12.60 -57.96
N ASP A 206 9.24 -13.15 -58.45
CA ASP A 206 8.59 -12.65 -59.65
C ASP A 206 7.08 -12.74 -59.44
N THR A 207 6.74 -11.95 -58.41
CA THR A 207 5.42 -11.65 -57.86
C THR A 207 5.12 -10.18 -58.21
N LEU A 208 3.86 -9.79 -58.05
CA LEU A 208 3.25 -8.65 -58.78
C LEU A 208 2.24 -7.82 -58.00
N ASN A 209 2.63 -7.24 -56.87
CA ASN A 209 4.07 -7.02 -56.48
C ASN A 209 4.77 -6.58 -57.72
N GLU A 210 5.14 -5.35 -57.88
CA GLU A 210 5.67 -4.48 -56.91
C GLU A 210 4.71 -4.04 -55.82
N GLU A 211 3.40 -4.29 -56.00
CA GLU A 211 2.34 -3.78 -55.14
C GLU A 211 2.01 -4.65 -53.96
N SER A 212 2.33 -5.95 -54.01
CA SER A 212 1.92 -6.84 -52.94
C SER A 212 3.02 -7.84 -52.57
N TYR A 213 4.25 -7.59 -53.01
CA TYR A 213 5.39 -8.47 -52.73
C TYR A 213 5.57 -8.73 -51.22
N LYS A 214 5.23 -7.77 -50.39
CA LYS A 214 5.42 -7.89 -48.94
C LYS A 214 4.57 -9.01 -48.27
N ASP A 215 3.46 -9.39 -48.89
CA ASP A 215 2.72 -10.57 -48.38
C ASP A 215 3.62 -11.83 -48.24
N SER A 216 4.59 -11.95 -49.15
CA SER A 216 5.57 -13.00 -49.08
C SER A 216 6.87 -12.60 -48.38
N THR A 217 7.44 -11.44 -48.73
CA THR A 217 8.80 -11.08 -48.23
C THR A 217 8.88 -10.92 -46.74
N LEU A 218 7.76 -10.58 -46.11
CA LEU A 218 7.80 -10.44 -44.67
C LEU A 218 8.05 -11.77 -43.90
N ILE A 219 7.44 -12.87 -44.32
CA ILE A 219 7.75 -14.21 -43.76
C ILE A 219 9.12 -14.70 -44.25
N MET A 220 9.48 -14.43 -45.48
CA MET A 220 10.83 -14.78 -45.98
C MET A 220 11.91 -14.16 -45.08
N GLN A 221 11.66 -12.94 -44.66
CA GLN A 221 12.59 -12.26 -43.80
C GLN A 221 12.71 -12.95 -42.46
N LEU A 222 11.58 -13.45 -41.91
CA LEU A 222 11.60 -14.20 -40.67
C LEU A 222 12.44 -15.48 -40.80
N LEU A 223 12.29 -16.18 -41.90
CA LEU A 223 13.07 -17.36 -42.13
C LEU A 223 14.59 -17.00 -42.17
N ARG A 224 14.90 -15.96 -42.93
CA ARG A 224 16.30 -15.52 -43.14
C ARG A 224 16.91 -15.07 -41.83
N ASP A 225 16.13 -14.36 -41.00
CA ASP A 225 16.60 -13.97 -39.66
C ASP A 225 16.88 -15.17 -38.79
N ASN A 226 16.00 -16.16 -38.76
CA ASN A 226 16.29 -17.39 -38.00
C ASN A 226 17.54 -18.06 -38.50
N LEU A 227 17.70 -18.15 -39.80
CA LEU A 227 18.91 -18.75 -40.36
C LEU A 227 20.18 -18.03 -39.86
N THR A 228 20.17 -16.71 -39.91
CA THR A 228 21.38 -15.98 -39.48
C THR A 228 21.62 -16.18 -37.99
N LEU A 229 20.56 -16.11 -37.21
CA LEU A 229 20.71 -16.36 -35.80
C LEU A 229 21.21 -17.78 -35.47
N TRP A 230 20.57 -18.77 -36.10
CA TRP A 230 20.96 -20.12 -35.83
C TRP A 230 22.37 -20.41 -36.28
N THR A 231 22.79 -19.87 -37.42
CA THR A 231 24.11 -20.18 -37.91
C THR A 231 25.14 -19.54 -36.96
N SER A 232 24.81 -18.36 -36.45
CA SER A 232 25.62 -17.63 -35.48
C SER A 232 25.08 -17.91 -34.08
N GLU A 233 25.00 -19.17 -33.79
CA GLU A 233 24.79 -19.69 -32.44
C GLU A 233 25.36 -21.12 -32.44
N ASN A 234 25.59 -21.69 -33.63
CA ASN A 234 26.32 -22.95 -33.80
C ASN A 234 27.74 -22.69 -34.30
N MET B 1 -16.17 -28.73 -2.57
CA MET B 1 -14.82 -29.33 -2.66
C MET B 1 -14.21 -29.46 -1.27
N THR B 2 -13.15 -30.24 -1.26
CA THR B 2 -12.49 -30.72 -0.09
C THR B 2 -11.41 -29.79 0.37
N MET B 3 -11.11 -28.72 -0.38
CA MET B 3 -10.06 -27.81 0.14
C MET B 3 -10.38 -27.12 1.45
N ASP B 4 -9.38 -26.98 2.32
CA ASP B 4 -9.44 -26.24 3.54
C ASP B 4 -9.05 -24.82 3.20
N LYS B 5 -9.17 -23.93 4.19
CA LYS B 5 -8.98 -22.50 3.98
C LYS B 5 -7.58 -22.19 3.56
N SER B 6 -6.58 -22.82 4.16
CA SER B 6 -5.20 -22.46 3.79
C SER B 6 -4.92 -22.81 2.32
N GLU B 7 -5.46 -23.93 1.86
CA GLU B 7 -5.33 -24.36 0.49
C GLU B 7 -6.00 -23.34 -0.45
N LEU B 8 -7.22 -22.93 -0.13
CA LEU B 8 -7.94 -21.95 -0.96
C LEU B 8 -7.20 -20.65 -1.06
N VAL B 9 -6.66 -20.17 0.05
CA VAL B 9 -5.87 -18.94 0.00
C VAL B 9 -4.67 -19.08 -0.89
N GLN B 10 -3.96 -20.20 -0.73
CA GLN B 10 -2.78 -20.43 -1.58
C GLN B 10 -3.20 -20.47 -3.07
N LYS B 11 -4.29 -21.15 -3.34
CA LYS B 11 -4.81 -21.18 -4.70
C LYS B 11 -5.15 -19.77 -5.22
N ALA B 12 -5.76 -18.96 -4.40
CA ALA B 12 -6.10 -17.60 -4.81
C ALA B 12 -4.84 -16.84 -5.20
N LYS B 13 -3.79 -16.98 -4.41
CA LYS B 13 -2.52 -16.34 -4.71
C LYS B 13 -1.84 -16.85 -5.95
N LEU B 14 -1.92 -18.13 -6.20
CA LEU B 14 -1.39 -18.72 -7.46
C LEU B 14 -2.20 -18.21 -8.70
N ALA B 15 -3.51 -18.21 -8.54
CA ALA B 15 -4.42 -17.71 -9.57
C ALA B 15 -4.07 -16.24 -9.93
N GLU B 16 -3.85 -15.40 -8.90
CA GLU B 16 -3.44 -14.01 -9.15
C GLU B 16 -2.15 -13.95 -9.96
N GLN B 17 -1.15 -14.74 -9.57
CA GLN B 17 0.13 -14.75 -10.36
C GLN B 17 -0.11 -15.18 -11.79
N ALA B 18 -1.01 -16.14 -12.00
CA ALA B 18 -1.33 -16.64 -13.32
C ALA B 18 -2.27 -15.70 -14.11
N GLU B 19 -2.70 -14.61 -13.52
CA GLU B 19 -3.75 -13.73 -14.09
C GLU B 19 -5.02 -14.49 -14.46
N ARG B 20 -5.42 -15.40 -13.57
CA ARG B 20 -6.63 -16.18 -13.73
C ARG B 20 -7.61 -15.67 -12.68
N TYR B 21 -8.14 -14.49 -12.93
CA TYR B 21 -8.87 -13.83 -11.87
C TYR B 21 -10.19 -14.50 -11.58
N ASP B 22 -10.81 -15.13 -12.56
CA ASP B 22 -12.03 -15.86 -12.27
C ASP B 22 -11.74 -16.97 -11.23
N ASP B 23 -10.66 -17.70 -11.41
CA ASP B 23 -10.26 -18.71 -10.41
C ASP B 23 -9.99 -18.03 -9.07
N MET B 24 -9.30 -16.88 -9.06
CA MET B 24 -9.01 -16.17 -7.83
C MET B 24 -10.27 -15.87 -7.06
N ALA B 25 -11.26 -15.33 -7.76
CA ALA B 25 -12.51 -14.96 -7.16
C ALA B 25 -13.21 -16.19 -6.58
N ALA B 26 -13.27 -17.27 -7.35
CA ALA B 26 -13.94 -18.51 -6.89
C ALA B 26 -13.28 -19.01 -5.60
N ALA B 27 -11.96 -18.96 -5.54
CA ALA B 27 -11.23 -19.37 -4.30
C ALA B 27 -11.59 -18.47 -3.10
N MET B 28 -11.67 -17.16 -3.31
CA MET B 28 -11.99 -16.26 -2.19
C MET B 28 -13.46 -16.30 -1.80
N LYS B 29 -14.35 -16.57 -2.76
CA LYS B 29 -15.72 -16.80 -2.47
C LYS B 29 -15.87 -18.03 -1.51
N ALA B 30 -15.21 -19.11 -1.83
CA ALA B 30 -15.23 -20.32 -0.99
C ALA B 30 -14.63 -20.04 0.41
N VAL B 31 -13.59 -19.24 0.48
CA VAL B 31 -13.04 -18.85 1.78
C VAL B 31 -14.09 -18.10 2.60
N THR B 32 -14.75 -17.16 1.95
CA THR B 32 -15.78 -16.38 2.63
C THR B 32 -16.89 -17.20 3.19
N GLU B 33 -17.34 -18.16 2.38
CA GLU B 33 -18.43 -19.02 2.70
C GLU B 33 -18.18 -19.94 3.87
N GLN B 34 -16.93 -20.05 4.32
CA GLN B 34 -16.62 -20.76 5.53
C GLN B 34 -17.13 -20.03 6.75
N GLY B 35 -17.46 -18.74 6.63
CA GLY B 35 -18.20 -18.04 7.67
C GLY B 35 -17.37 -17.36 8.73
N HIS B 36 -16.05 -17.34 8.58
CA HIS B 36 -15.19 -16.65 9.49
C HIS B 36 -14.89 -15.26 8.98
N GLU B 37 -14.66 -14.37 9.91
CA GLU B 37 -14.27 -13.03 9.55
C GLU B 37 -12.97 -13.14 8.73
N LEU B 38 -12.88 -12.40 7.63
CA LEU B 38 -11.69 -12.45 6.79
C LEU B 38 -10.60 -11.67 7.44
N SER B 39 -9.36 -12.20 7.36
CA SER B 39 -8.15 -11.46 7.72
C SER B 39 -7.96 -10.30 6.80
N ASN B 40 -7.09 -9.38 7.14
CA ASN B 40 -6.82 -8.24 6.22
C ASN B 40 -6.27 -8.68 4.87
N GLU B 41 -5.38 -9.66 4.89
CA GLU B 41 -4.81 -10.23 3.65
C GLU B 41 -5.97 -10.88 2.77
N GLU B 42 -6.81 -11.64 3.42
CA GLU B 42 -7.93 -12.29 2.73
C GLU B 42 -8.91 -11.28 2.13
N ARG B 43 -9.27 -10.27 2.89
CA ARG B 43 -10.22 -9.28 2.45
C ARG B 43 -9.68 -8.57 1.24
N ASN B 44 -8.39 -8.29 1.22
CA ASN B 44 -7.74 -7.70 0.07
C ASN B 44 -7.72 -8.61 -1.16
N LEU B 45 -7.40 -9.88 -0.97
CA LEU B 45 -7.48 -10.85 -2.08
C LEU B 45 -8.89 -10.94 -2.69
N LEU B 46 -9.92 -10.96 -1.85
CA LEU B 46 -11.28 -11.03 -2.34
C LEU B 46 -11.58 -9.78 -3.20
N SER B 47 -11.23 -8.62 -2.64
CA SER B 47 -11.48 -7.34 -3.28
C SER B 47 -10.77 -7.20 -4.59
N VAL B 48 -9.52 -7.58 -4.64
CA VAL B 48 -8.73 -7.54 -5.89
C VAL B 48 -9.27 -8.52 -6.94
N ALA B 49 -9.61 -9.73 -6.50
CA ALA B 49 -10.09 -10.76 -7.42
C ALA B 49 -11.37 -10.18 -8.12
N TYR B 50 -12.37 -9.79 -7.34
CA TYR B 50 -13.61 -9.35 -7.94
C TYR B 50 -13.47 -8.04 -8.71
N LYS B 51 -12.63 -7.15 -8.26
CA LYS B 51 -12.37 -5.93 -9.05
C LYS B 51 -11.91 -6.23 -10.45
N ASN B 52 -10.98 -7.16 -10.58
CA ASN B 52 -10.46 -7.61 -11.85
C ASN B 52 -11.48 -8.36 -12.68
N VAL B 53 -12.29 -9.20 -12.03
CA VAL B 53 -13.33 -9.99 -12.75
C VAL B 53 -14.36 -9.02 -13.34
N VAL B 54 -14.88 -8.16 -12.49
CA VAL B 54 -15.88 -7.21 -12.93
C VAL B 54 -15.29 -6.21 -13.91
N GLY B 55 -14.09 -5.77 -13.65
CA GLY B 55 -13.38 -4.82 -14.51
C GLY B 55 -13.20 -5.26 -15.95
N ALA B 56 -12.92 -6.55 -16.13
CA ALA B 56 -12.84 -7.11 -17.45
C ALA B 56 -14.16 -7.01 -18.17
N ARG B 57 -15.29 -7.41 -17.52
CA ARG B 57 -16.62 -7.35 -18.13
C ARG B 57 -17.02 -5.90 -18.47
N ARG B 58 -16.72 -4.98 -17.55
CA ARG B 58 -17.09 -3.58 -17.77
C ARG B 58 -16.37 -3.03 -18.99
N SER B 59 -15.09 -3.36 -19.13
CA SER B 59 -14.27 -2.97 -20.26
C SER B 59 -14.82 -3.53 -21.58
N SER B 60 -15.21 -4.79 -21.60
CA SER B 60 -15.85 -5.38 -22.74
C SER B 60 -17.16 -4.66 -23.03
N TRP B 61 -17.97 -4.40 -22.03
CA TRP B 61 -19.25 -3.74 -22.23
C TRP B 61 -19.08 -2.38 -22.89
N ARG B 62 -18.06 -1.63 -22.47
CA ARG B 62 -17.76 -0.32 -23.07
C ARG B 62 -17.33 -0.42 -24.56
N VAL B 63 -16.51 -1.41 -24.86
CA VAL B 63 -16.10 -1.66 -26.22
C VAL B 63 -17.28 -2.00 -27.11
N ILE B 64 -18.13 -2.91 -26.66
CA ILE B 64 -19.27 -3.34 -27.45
C ILE B 64 -20.26 -2.18 -27.67
N SER B 65 -20.56 -1.49 -26.59
CA SER B 65 -21.42 -0.30 -26.64
C SER B 65 -20.97 0.77 -27.66
N SER B 66 -19.68 1.03 -27.71
CA SER B 66 -19.09 1.93 -28.69
C SER B 66 -19.25 1.44 -30.16
N ILE B 67 -18.94 0.19 -30.39
CA ILE B 67 -19.16 -0.44 -31.72
C ILE B 67 -20.62 -0.37 -32.19
N GLU B 68 -21.54 -0.66 -31.27
CA GLU B 68 -22.97 -0.69 -31.52
C GLU B 68 -23.48 0.68 -32.03
N GLN B 69 -22.88 1.78 -31.56
CA GLN B 69 -23.18 3.14 -32.01
C GLN B 69 -22.47 3.60 -33.28
N LYS B 70 -21.41 2.93 -33.71
CA LYS B 70 -20.97 2.98 -35.11
C LYS B 70 -21.71 1.87 -35.85
N THR B 71 -21.89 2.05 -37.13
CA THR B 71 -22.83 1.18 -37.88
C THR B 71 -22.58 1.07 -39.37
N GLU B 72 -23.30 0.17 -40.05
CA GLU B 72 -24.21 -0.90 -39.50
C GLU B 72 -25.70 -0.61 -39.84
N ARG B 73 -26.21 -1.35 -40.81
CA ARG B 73 -27.47 -1.09 -41.50
C ARG B 73 -28.24 -2.46 -41.51
N ASN B 74 -27.73 -3.45 -40.74
CA ASN B 74 -28.07 -4.80 -40.96
C ASN B 74 -29.26 -5.11 -40.07
N GLU B 75 -30.00 -6.09 -40.56
CA GLU B 75 -30.90 -6.91 -39.74
C GLU B 75 -30.12 -7.63 -38.63
N LYS B 76 -28.89 -8.07 -38.92
CA LYS B 76 -28.07 -8.71 -37.91
C LYS B 76 -27.24 -7.68 -37.10
N LYS B 77 -26.58 -6.75 -37.78
CA LYS B 77 -25.33 -6.15 -37.29
C LYS B 77 -25.54 -5.32 -36.02
N GLN B 78 -26.40 -4.31 -36.10
CA GLN B 78 -26.93 -3.58 -34.89
C GLN B 78 -27.60 -4.54 -33.88
N GLN B 79 -28.31 -5.55 -34.42
CA GLN B 79 -28.99 -6.58 -33.64
C GLN B 79 -28.00 -7.50 -32.93
N MET B 80 -26.87 -7.82 -33.58
CA MET B 80 -25.92 -8.73 -32.93
C MET B 80 -25.10 -7.97 -31.88
N GLY B 81 -24.82 -6.72 -32.14
CA GLY B 81 -24.14 -5.84 -31.18
C GLY B 81 -24.97 -5.75 -29.90
N LYS B 82 -26.25 -5.54 -30.05
CA LYS B 82 -27.16 -5.47 -28.91
C LYS B 82 -27.26 -6.83 -28.17
N GLU B 83 -27.43 -7.91 -28.89
CA GLU B 83 -27.49 -9.20 -28.23
C GLU B 83 -26.19 -9.56 -27.49
N TYR B 84 -25.06 -9.26 -28.09
CA TYR B 84 -23.78 -9.57 -27.45
C TYR B 84 -23.57 -8.67 -26.19
N ARG B 85 -23.94 -7.39 -26.30
CA ARG B 85 -23.89 -6.49 -25.17
C ARG B 85 -24.73 -7.05 -24.05
N GLU B 86 -25.96 -7.49 -24.36
CA GLU B 86 -26.86 -8.08 -23.37
C GLU B 86 -26.30 -9.33 -22.68
N LYS B 87 -25.58 -10.14 -23.43
CA LYS B 87 -24.86 -11.27 -22.86
C LYS B 87 -23.81 -10.80 -21.79
N ILE B 88 -23.01 -9.81 -22.17
CA ILE B 88 -22.02 -9.21 -21.27
C ILE B 88 -22.75 -8.67 -20.01
N GLU B 89 -23.83 -7.93 -20.20
CA GLU B 89 -24.61 -7.35 -19.12
C GLU B 89 -25.11 -8.43 -18.13
N ALA B 90 -25.61 -9.54 -18.63
CA ALA B 90 -26.07 -10.63 -17.70
C ALA B 90 -24.89 -11.27 -16.92
N GLU B 91 -23.75 -11.37 -17.58
CA GLU B 91 -22.53 -11.89 -16.94
C GLU B 91 -22.10 -10.99 -15.80
N LEU B 92 -22.11 -9.72 -16.09
CA LEU B 92 -21.78 -8.69 -15.10
C LEU B 92 -22.76 -8.66 -13.94
N GLN B 93 -24.04 -8.81 -14.25
CA GLN B 93 -25.05 -8.89 -13.23
C GLN B 93 -24.86 -10.09 -12.33
N ASP B 94 -24.56 -11.22 -12.93
CA ASP B 94 -24.35 -12.46 -12.13
C ASP B 94 -23.13 -12.30 -11.18
N ILE B 95 -22.08 -11.66 -11.65
CA ILE B 95 -20.90 -11.42 -10.79
C ILE B 95 -21.28 -10.50 -9.65
N CYS B 96 -21.90 -9.37 -9.95
CA CYS B 96 -22.22 -8.37 -8.92
C CYS B 96 -23.19 -9.01 -7.89
N ASN B 97 -24.17 -9.77 -8.36
CA ASN B 97 -25.10 -10.38 -7.50
C ASN B 97 -24.45 -11.41 -6.59
N ASP B 98 -23.44 -12.13 -7.06
CA ASP B 98 -22.67 -13.05 -6.22
C ASP B 98 -21.92 -12.28 -5.11
N VAL B 99 -21.30 -11.17 -5.47
CA VAL B 99 -20.63 -10.35 -4.47
C VAL B 99 -21.62 -9.84 -3.42
N LEU B 100 -22.70 -9.25 -3.89
CA LEU B 100 -23.71 -8.72 -3.02
C LEU B 100 -24.28 -9.75 -2.04
N GLU B 101 -24.46 -10.96 -2.53
CA GLU B 101 -24.85 -12.06 -1.65
C GLU B 101 -23.79 -12.44 -0.60
N LEU B 102 -22.53 -12.46 -0.99
CA LEU B 102 -21.46 -12.65 0.00
C LEU B 102 -21.47 -11.55 1.04
N LEU B 103 -21.69 -10.32 0.58
CA LEU B 103 -21.70 -9.21 1.48
C LEU B 103 -22.90 -9.30 2.46
N ASP B 104 -24.09 -9.65 1.99
CA ASP B 104 -25.32 -9.70 2.76
C ASP B 104 -25.33 -10.91 3.69
N LYS B 105 -24.86 -12.05 3.20
CA LYS B 105 -24.86 -13.27 4.00
C LYS B 105 -23.69 -13.46 4.95
N TYR B 106 -22.49 -13.04 4.58
CA TYR B 106 -21.33 -13.31 5.45
C TYR B 106 -20.60 -12.05 5.90
N LEU B 107 -20.18 -11.24 4.93
CA LEU B 107 -19.15 -10.25 5.25
C LEU B 107 -19.67 -9.14 6.16
N ILE B 108 -20.80 -8.57 5.84
CA ILE B 108 -21.29 -7.49 6.62
C ILE B 108 -21.81 -7.96 8.00
N LEU B 109 -22.61 -8.99 8.04
CA LEU B 109 -23.07 -9.43 9.36
C LEU B 109 -21.99 -10.02 10.25
N ASN B 110 -20.94 -10.64 9.73
CA ASN B 110 -19.86 -11.18 10.59
C ASN B 110 -18.83 -10.11 11.00
N ALA B 111 -18.95 -8.89 10.51
CA ALA B 111 -17.90 -7.91 10.76
C ALA B 111 -18.12 -7.44 12.22
N THR B 112 -17.06 -7.44 12.99
CA THR B 112 -17.07 -7.21 14.38
C THR B 112 -16.44 -5.84 14.78
N GLN B 113 -15.72 -5.19 13.87
CA GLN B 113 -15.11 -3.90 14.09
C GLN B 113 -15.61 -2.93 13.01
N ALA B 114 -15.57 -1.64 13.33
CA ALA B 114 -16.16 -0.61 12.50
C ALA B 114 -15.48 -0.49 11.15
N GLU B 115 -14.15 -0.59 11.12
CA GLU B 115 -13.42 -0.41 9.92
C GLU B 115 -13.79 -1.45 8.84
N SER B 116 -13.94 -2.71 9.24
CA SER B 116 -14.39 -3.80 8.37
C SER B 116 -15.78 -3.54 7.89
N LYS B 117 -16.64 -3.19 8.82
CA LYS B 117 -17.99 -2.97 8.48
C LYS B 117 -18.11 -1.87 7.41
N VAL B 118 -17.40 -0.76 7.61
CA VAL B 118 -17.39 0.32 6.64
C VAL B 118 -16.84 -0.20 5.31
N PHE B 119 -15.74 -0.93 5.32
CA PHE B 119 -15.17 -1.45 4.06
C PHE B 119 -16.23 -2.23 3.24
N TYR B 120 -16.94 -3.12 3.93
CA TYR B 120 -17.91 -3.97 3.25
C TYR B 120 -19.17 -3.23 2.83
N LEU B 121 -19.63 -2.29 3.61
CA LEU B 121 -20.71 -1.44 3.16
C LEU B 121 -20.37 -0.58 1.98
N LYS B 122 -19.17 -0.04 1.98
CA LYS B 122 -18.67 0.65 0.80
C LYS B 122 -18.65 -0.25 -0.42
N MET B 123 -18.20 -1.49 -0.25
CA MET B 123 -18.17 -2.40 -1.35
C MET B 123 -19.60 -2.71 -1.89
N LYS B 124 -20.55 -2.85 -1.00
CA LYS B 124 -21.95 -3.01 -1.37
C LYS B 124 -22.41 -1.81 -2.23
N GLY B 125 -22.02 -0.63 -1.80
CA GLY B 125 -22.32 0.55 -2.61
C GLY B 125 -21.68 0.49 -3.97
N ASP B 126 -20.41 0.11 -4.02
CA ASP B 126 -19.65 0.00 -5.25
C ASP B 126 -20.33 -1.02 -6.21
N TYR B 127 -20.73 -2.18 -5.68
CA TYR B 127 -21.29 -3.22 -6.55
C TYR B 127 -22.74 -2.93 -7.01
N PHE B 128 -23.55 -2.24 -6.22
CA PHE B 128 -24.80 -1.70 -6.71
C PHE B 128 -24.58 -0.60 -7.79
N ARG B 129 -23.52 0.16 -7.63
CA ARG B 129 -23.15 1.15 -8.63
C ARG B 129 -22.80 0.44 -9.93
N TYR B 130 -21.99 -0.62 -9.89
CA TYR B 130 -21.69 -1.35 -11.13
C TYR B 130 -22.95 -1.89 -11.77
N LEU B 131 -23.87 -2.45 -10.99
CA LEU B 131 -25.14 -2.93 -11.53
C LEU B 131 -25.94 -1.84 -12.17
N SER B 132 -25.89 -0.62 -11.60
CA SER B 132 -26.63 0.50 -12.17
C SER B 132 -26.17 0.84 -13.57
N GLU B 133 -24.86 0.70 -13.84
CA GLU B 133 -24.33 1.13 -15.11
C GLU B 133 -24.93 0.34 -16.29
N VAL B 134 -25.46 -0.81 -16.01
CA VAL B 134 -26.01 -1.61 -17.09
C VAL B 134 -27.49 -1.88 -16.88
N ALA B 135 -28.10 -1.27 -15.87
CA ALA B 135 -29.48 -1.47 -15.61
C ALA B 135 -30.25 -0.48 -16.50
N SER B 136 -31.51 -0.83 -16.72
CA SER B 136 -32.46 0.12 -17.33
C SER B 136 -33.78 0.13 -16.57
N GLY B 137 -34.61 1.11 -16.91
CA GLY B 137 -35.96 1.15 -16.36
C GLY B 137 -36.02 1.20 -14.85
N GLU B 138 -36.99 0.46 -14.31
CA GLU B 138 -37.23 0.50 -12.88
C GLU B 138 -36.08 -0.09 -12.12
N ASN B 139 -35.49 -1.12 -12.68
CA ASN B 139 -34.39 -1.75 -12.01
C ASN B 139 -33.23 -0.78 -11.85
N LYS B 140 -33.09 0.18 -12.75
CA LYS B 140 -32.06 1.13 -12.61
C LYS B 140 -32.25 2.02 -11.36
N GLN B 141 -33.44 2.53 -11.14
CA GLN B 141 -33.74 3.34 -9.97
C GLN B 141 -33.48 2.55 -8.66
N THR B 142 -33.83 1.27 -8.67
CA THR B 142 -33.63 0.42 -7.53
C THR B 142 -32.15 0.20 -7.20
N THR B 143 -31.33 -0.01 -8.20
CA THR B 143 -29.92 -0.25 -7.97
C THR B 143 -29.23 1.04 -7.47
N VAL B 144 -29.64 2.18 -8.03
CA VAL B 144 -29.07 3.47 -7.65
C VAL B 144 -29.41 3.80 -6.21
N SER B 145 -30.66 3.57 -5.87
CA SER B 145 -31.13 3.76 -4.55
C SER B 145 -30.42 2.85 -3.53
N ASN B 146 -30.22 1.58 -3.90
CA ASN B 146 -29.50 0.65 -3.05
C ASN B 146 -28.03 1.05 -2.88
N SER B 147 -27.40 1.56 -3.94
CA SER B 147 -26.01 1.99 -3.87
C SER B 147 -25.93 3.15 -2.85
N GLN B 148 -26.80 4.12 -3.02
CA GLN B 148 -26.84 5.30 -2.12
C GLN B 148 -27.02 4.92 -0.67
N GLN B 149 -27.95 4.02 -0.42
CA GLN B 149 -28.21 3.54 0.89
C GLN B 149 -27.05 2.85 1.56
N ALA B 150 -26.32 2.06 0.81
CA ALA B 150 -25.20 1.31 1.39
C ALA B 150 -24.07 2.31 1.67
N TYR B 151 -23.77 3.18 0.73
CA TYR B 151 -22.73 4.22 0.96
C TYR B 151 -23.08 5.10 2.20
N GLN B 152 -24.36 5.48 2.33
CA GLN B 152 -24.80 6.27 3.42
C GLN B 152 -24.61 5.59 4.75
N GLU B 153 -24.98 4.30 4.81
CA GLU B 153 -24.83 3.53 6.03
C GLU B 153 -23.36 3.43 6.42
N ALA B 154 -22.51 3.15 5.44
CA ALA B 154 -21.06 3.14 5.67
C ALA B 154 -20.53 4.49 6.20
N PHE B 155 -21.04 5.54 5.61
CA PHE B 155 -20.58 6.93 5.95
C PHE B 155 -20.94 7.32 7.40
N GLU B 156 -22.14 7.00 7.81
CA GLU B 156 -22.57 7.28 9.16
C GLU B 156 -21.70 6.53 10.16
N ILE B 157 -21.42 5.25 9.94
CA ILE B 157 -20.49 4.53 10.82
C ILE B 157 -19.11 5.16 10.81
N SER B 158 -18.56 5.45 9.63
CA SER B 158 -17.21 5.91 9.55
C SER B 158 -17.04 7.22 10.31
N LYS B 159 -18.03 8.11 10.23
CA LYS B 159 -17.92 9.40 10.92
C LYS B 159 -17.96 9.24 12.43
N LYS B 160 -18.72 8.26 12.90
CA LYS B 160 -18.83 7.98 14.31
C LYS B 160 -17.62 7.25 14.86
N GLU B 161 -16.97 6.37 14.09
CA GLU B 161 -16.04 5.44 14.66
C GLU B 161 -14.63 5.57 14.17
N MET B 162 -14.39 6.21 13.03
CA MET B 162 -13.07 6.11 12.43
C MET B 162 -12.43 7.48 12.34
N GLN B 163 -11.11 7.52 12.34
CA GLN B 163 -10.42 8.78 12.12
C GLN B 163 -10.60 9.30 10.71
N PRO B 164 -10.64 10.62 10.57
CA PRO B 164 -10.86 11.23 9.28
C PRO B 164 -9.74 11.04 8.29
N THR B 165 -8.54 10.70 8.75
CA THR B 165 -7.46 10.34 7.86
C THR B 165 -7.37 8.84 7.51
N HIS B 166 -8.24 8.04 8.10
CA HIS B 166 -8.18 6.61 7.78
C HIS B 166 -8.44 6.38 6.29
N PRO B 167 -7.58 5.63 5.61
CA PRO B 167 -7.76 5.47 4.15
C PRO B 167 -9.09 4.88 3.73
N ILE B 168 -9.68 4.06 4.57
CA ILE B 168 -11.02 3.47 4.25
C ILE B 168 -12.12 4.54 4.35
N ARG B 169 -12.05 5.37 5.36
CA ARG B 169 -12.96 6.47 5.49
C ARG B 169 -12.75 7.45 4.34
N LEU B 170 -11.51 7.75 3.99
CA LEU B 170 -11.29 8.65 2.85
C LEU B 170 -11.74 8.07 1.51
N GLY B 171 -11.51 6.79 1.32
CA GLY B 171 -11.90 6.09 0.10
C GLY B 171 -13.41 6.05 -0.05
N LEU B 172 -14.09 5.90 1.06
CA LEU B 172 -15.51 6.01 1.06
C LEU B 172 -16.04 7.36 0.62
N ALA B 173 -15.47 8.41 1.21
CA ALA B 173 -15.83 9.75 0.79
C ALA B 173 -15.56 9.96 -0.65
N LEU B 174 -14.44 9.48 -1.19
CA LEU B 174 -14.16 9.57 -2.61
C LEU B 174 -15.20 8.90 -3.48
N ASN B 175 -15.48 7.64 -3.18
CA ASN B 175 -16.43 6.90 -3.98
C ASN B 175 -17.85 7.43 -3.86
N PHE B 176 -18.24 7.85 -2.69
CA PHE B 176 -19.57 8.38 -2.44
C PHE B 176 -19.79 9.73 -3.10
N SER B 177 -18.78 10.59 -3.02
CA SER B 177 -18.87 11.89 -3.68
C SER B 177 -18.96 11.73 -5.19
N VAL B 178 -18.14 10.85 -5.74
CA VAL B 178 -18.16 10.55 -7.17
C VAL B 178 -19.46 9.91 -7.63
N PHE B 179 -20.06 9.04 -6.81
CA PHE B 179 -21.41 8.54 -7.00
C PHE B 179 -22.40 9.69 -7.17
N TYR B 180 -22.38 10.66 -6.27
CA TYR B 180 -23.33 11.76 -6.38
C TYR B 180 -23.10 12.56 -7.63
N TYR B 181 -21.84 12.82 -7.94
CA TYR B 181 -21.51 13.62 -9.10
C TYR B 181 -21.87 12.92 -10.42
N GLU B 182 -21.44 11.67 -10.55
CA GLU B 182 -21.51 10.95 -11.82
C GLU B 182 -22.80 10.17 -12.01
N ILE B 183 -23.33 9.57 -10.96
CA ILE B 183 -24.48 8.70 -11.09
C ILE B 183 -25.74 9.47 -10.78
N LEU B 184 -25.76 10.29 -9.74
CA LEU B 184 -26.95 11.05 -9.43
C LEU B 184 -26.98 12.46 -10.03
N ASN B 185 -25.94 12.87 -10.72
CA ASN B 185 -25.91 14.25 -11.27
C ASN B 185 -26.19 15.29 -10.21
N SER B 186 -25.55 15.21 -9.03
CA SER B 186 -25.80 16.18 -7.94
C SER B 186 -24.48 16.73 -7.53
N PRO B 187 -23.90 17.67 -8.31
CA PRO B 187 -22.63 18.24 -8.01
C PRO B 187 -22.59 18.97 -6.67
N GLU B 188 -23.64 19.62 -6.26
CA GLU B 188 -23.55 20.33 -4.96
C GLU B 188 -23.33 19.37 -3.75
N LYS B 189 -24.09 18.29 -3.72
CA LYS B 189 -23.94 17.27 -2.68
C LYS B 189 -22.58 16.61 -2.82
N ALA B 190 -22.15 16.36 -4.06
CA ALA B 190 -20.85 15.77 -4.29
C ALA B 190 -19.76 16.63 -3.65
N CYS B 191 -19.77 17.92 -3.96
CA CYS B 191 -18.78 18.87 -3.45
C CYS B 191 -18.80 18.98 -1.92
N SER B 192 -20.01 19.00 -1.38
CA SER B 192 -20.16 19.08 0.04
C SER B 192 -19.56 17.88 0.73
N LEU B 193 -19.80 16.69 0.23
CA LEU B 193 -19.23 15.51 0.86
C LEU B 193 -17.71 15.49 0.75
N ALA B 194 -17.21 15.75 -0.44
CA ALA B 194 -15.77 15.73 -0.66
C ALA B 194 -15.08 16.80 0.19
N LYS B 195 -15.66 18.00 0.23
CA LYS B 195 -15.06 19.10 0.97
C LYS B 195 -15.02 18.85 2.46
N THR B 196 -16.11 18.38 3.02
CA THR B 196 -16.14 18.02 4.42
C THR B 196 -15.10 16.94 4.73
N ALA B 197 -15.02 15.93 3.91
CA ALA B 197 -14.08 14.82 4.24
C ALA B 197 -12.63 15.32 4.16
N PHE B 198 -12.37 16.14 3.16
CA PHE B 198 -11.03 16.69 2.92
C PHE B 198 -10.63 17.60 4.12
N ASP B 199 -11.53 18.53 4.46
CA ASP B 199 -11.33 19.46 5.56
C ASP B 199 -11.16 18.78 6.89
N GLU B 200 -11.93 17.72 7.17
CA GLU B 200 -11.71 17.01 8.39
C GLU B 200 -10.40 16.28 8.47
N ALA B 201 -9.96 15.68 7.37
CA ALA B 201 -8.69 14.98 7.35
C ALA B 201 -7.49 15.95 7.57
N ILE B 202 -7.55 17.06 6.89
CA ILE B 202 -6.49 18.09 6.98
C ILE B 202 -6.32 18.74 8.34
N ALA B 203 -7.41 18.82 9.09
CA ALA B 203 -7.40 19.27 10.45
C ALA B 203 -6.77 18.31 11.43
N GLU B 204 -6.52 17.07 11.03
CA GLU B 204 -5.98 16.03 11.91
C GLU B 204 -4.74 15.35 11.35
N LEU B 205 -3.84 16.11 10.73
CA LEU B 205 -2.60 15.53 10.21
C LEU B 205 -1.79 14.72 11.21
N ASP B 206 -1.85 15.03 12.48
CA ASP B 206 -1.05 14.29 13.43
C ASP B 206 -1.63 12.87 13.62
N THR B 207 -2.82 12.57 13.08
CA THR B 207 -3.31 11.15 13.18
C THR B 207 -2.72 10.25 12.08
N LEU B 208 -2.01 10.86 11.14
CA LEU B 208 -1.29 10.10 10.10
C LEU B 208 -0.20 9.24 10.75
N ASN B 209 0.08 8.06 10.18
CA ASN B 209 1.09 7.18 10.75
C ASN B 209 1.88 6.62 9.60
N GLU B 210 3.12 6.21 9.91
CA GLU B 210 4.07 5.80 8.88
C GLU B 210 3.45 4.77 7.95
N GLU B 211 2.71 3.83 8.50
CA GLU B 211 2.21 2.67 7.76
C GLU B 211 1.22 3.07 6.65
N SER B 212 0.43 4.11 6.89
CA SER B 212 -0.66 4.43 5.98
C SER B 212 -0.62 5.91 5.52
N TYR B 213 0.51 6.58 5.78
CA TYR B 213 0.74 7.95 5.37
C TYR B 213 0.53 8.21 3.90
N LYS B 214 1.10 7.33 3.11
CA LYS B 214 1.01 7.48 1.67
C LYS B 214 -0.40 7.21 1.15
N ASP B 215 -1.03 6.15 1.65
CA ASP B 215 -2.38 5.77 1.26
C ASP B 215 -3.35 6.91 1.56
N SER B 216 -3.24 7.53 2.75
CA SER B 216 -4.11 8.62 3.13
C SER B 216 -3.89 9.82 2.25
N THR B 217 -2.65 10.27 2.11
CA THR B 217 -2.46 11.56 1.42
C THR B 217 -2.76 11.49 -0.05
N LEU B 218 -2.57 10.32 -0.64
CA LEU B 218 -2.97 10.09 -2.03
C LEU B 218 -4.50 10.25 -2.23
N ILE B 219 -5.26 9.69 -1.32
CA ILE B 219 -6.73 9.89 -1.43
C ILE B 219 -7.13 11.33 -1.15
N MET B 220 -6.53 11.93 -0.14
CA MET B 220 -6.80 13.34 0.15
C MET B 220 -6.57 14.20 -1.05
N GLN B 221 -5.51 13.88 -1.82
CA GLN B 221 -5.22 14.61 -3.04
C GLN B 221 -6.27 14.39 -4.13
N LEU B 222 -6.80 13.16 -4.23
CA LEU B 222 -7.85 12.88 -5.16
C LEU B 222 -9.12 13.68 -4.86
N LEU B 223 -9.49 13.72 -3.58
CA LEU B 223 -10.62 14.48 -3.16
C LEU B 223 -10.44 15.95 -3.52
N ARG B 224 -9.26 16.49 -3.24
CA ARG B 224 -8.93 17.90 -3.49
C ARG B 224 -8.94 18.22 -4.97
N ASP B 225 -8.44 17.30 -5.79
CA ASP B 225 -8.51 17.46 -7.27
C ASP B 225 -9.95 17.46 -7.82
N ASN B 226 -10.78 16.51 -7.37
CA ASN B 226 -12.20 16.56 -7.78
C ASN B 226 -12.86 17.85 -7.38
N LEU B 227 -12.61 18.29 -6.15
CA LEU B 227 -13.18 19.53 -5.70
C LEU B 227 -12.80 20.72 -6.58
N THR B 228 -11.55 20.81 -7.00
CA THR B 228 -11.09 21.91 -7.87
C THR B 228 -11.75 21.79 -9.21
N LEU B 229 -11.79 20.60 -9.77
CA LEU B 229 -12.46 20.40 -11.03
C LEU B 229 -13.92 20.73 -10.93
N TRP B 230 -14.64 20.18 -9.96
CA TRP B 230 -16.05 20.43 -9.89
C TRP B 230 -16.41 21.87 -9.69
N THR B 231 -15.65 22.56 -8.84
CA THR B 231 -16.02 23.92 -8.55
C THR B 231 -15.78 24.77 -9.80
N SER B 232 -14.80 24.41 -10.60
CA SER B 232 -14.54 25.12 -11.86
C SER B 232 -15.66 25.00 -12.90
N GLU B 233 -16.60 24.04 -12.75
CA GLU B 233 -17.71 23.80 -13.72
C GLU B 233 -19.08 24.37 -13.34
N MET C 1 31.58 -6.43 29.82
CA MET C 1 32.66 -7.32 30.22
C MET C 1 33.18 -8.13 29.04
N THR C 2 34.19 -8.90 29.38
CA THR C 2 34.58 -10.03 28.57
C THR C 2 33.33 -10.93 28.73
N MET C 3 33.47 -12.11 29.25
CA MET C 3 32.57 -13.20 28.90
C MET C 3 32.07 -13.26 27.43
N ASP C 4 32.28 -14.42 26.86
CA ASP C 4 31.83 -14.78 25.56
C ASP C 4 30.42 -15.39 25.73
N LYS C 5 29.76 -15.69 24.62
CA LYS C 5 28.38 -16.11 24.64
C LYS C 5 28.18 -17.43 25.38
N SER C 6 29.11 -18.37 25.21
CA SER C 6 28.88 -19.66 25.88
C SER C 6 28.91 -19.50 27.41
N GLU C 7 29.78 -18.62 27.90
CA GLU C 7 29.89 -18.31 29.31
C GLU C 7 28.61 -17.65 29.80
N LEU C 8 28.08 -16.66 29.05
CA LEU C 8 26.83 -16.00 29.41
C LEU C 8 25.68 -16.92 29.45
N VAL C 9 25.55 -17.85 28.48
CA VAL C 9 24.45 -18.81 28.48
C VAL C 9 24.58 -19.74 29.66
N GLN C 10 25.79 -20.20 29.97
CA GLN C 10 25.96 -21.06 31.14
C GLN C 10 25.56 -20.30 32.42
N LYS C 11 25.96 -19.05 32.51
CA LYS C 11 25.58 -18.21 33.64
C LYS C 11 24.06 -18.02 33.77
N ALA C 12 23.38 -17.82 32.65
CA ALA C 12 21.92 -17.69 32.68
C ALA C 12 21.31 -18.95 33.26
N LYS C 13 21.81 -20.11 32.82
CA LYS C 13 21.28 -21.37 33.32
C LYS C 13 21.55 -21.58 34.77
N LEU C 14 22.72 -21.19 35.25
CA LEU C 14 23.01 -21.27 36.68
C LEU C 14 22.08 -20.35 37.48
N ALA C 15 21.95 -19.13 37.00
CA ALA C 15 21.05 -18.16 37.61
C ALA C 15 19.64 -18.70 37.70
N GLU C 16 19.15 -19.35 36.67
CA GLU C 16 17.82 -19.96 36.72
C GLU C 16 17.72 -21.04 37.81
N GLN C 17 18.73 -21.89 37.88
CA GLN C 17 18.81 -22.96 38.96
C GLN C 17 18.84 -22.29 40.35
N ALA C 18 19.53 -21.16 40.49
CA ALA C 18 19.60 -20.45 41.76
C ALA C 18 18.39 -19.57 42.04
N GLU C 19 17.43 -19.50 41.12
CA GLU C 19 16.28 -18.55 41.19
C GLU C 19 16.70 -17.13 41.35
N ARG C 20 17.73 -16.73 40.59
CA ARG C 20 18.24 -15.37 40.61
C ARG C 20 17.90 -14.79 39.23
N TYR C 21 16.64 -14.45 39.05
CA TYR C 21 16.13 -14.13 37.75
C TYR C 21 16.63 -12.78 37.22
N ASP C 22 16.95 -11.86 38.10
CA ASP C 22 17.59 -10.61 37.63
C ASP C 22 18.94 -10.91 36.97
N ASP C 23 19.75 -11.76 37.59
CA ASP C 23 21.00 -12.18 36.96
C ASP C 23 20.76 -12.92 35.62
N MET C 24 19.74 -13.79 35.59
CA MET C 24 19.39 -14.54 34.37
C MET C 24 19.06 -13.58 33.22
N ALA C 25 18.26 -12.58 33.52
CA ALA C 25 17.88 -11.58 32.51
C ALA C 25 19.07 -10.73 32.03
N ALA C 26 19.94 -10.33 32.97
CA ALA C 26 21.16 -9.60 32.60
C ALA C 26 22.06 -10.40 31.67
N ALA C 27 22.22 -11.70 31.95
CA ALA C 27 23.01 -12.59 31.08
C ALA C 27 22.38 -12.64 29.68
N MET C 28 21.05 -12.86 29.60
CA MET C 28 20.40 -13.04 28.30
C MET C 28 20.31 -11.75 27.53
N LYS C 29 20.22 -10.63 28.22
CA LYS C 29 20.33 -9.33 27.57
C LYS C 29 21.67 -9.17 26.91
N ALA C 30 22.74 -9.52 27.59
CA ALA C 30 24.11 -9.46 27.03
C ALA C 30 24.29 -10.43 25.84
N VAL C 31 23.68 -11.60 25.90
CA VAL C 31 23.71 -12.55 24.76
C VAL C 31 23.00 -11.95 23.54
N THR C 32 21.84 -11.34 23.77
CA THR C 32 21.07 -10.68 22.71
C THR C 32 21.83 -9.55 22.07
N GLU C 33 22.52 -8.77 22.90
CA GLU C 33 23.28 -7.59 22.42
C GLU C 33 24.48 -7.96 21.55
N GLN C 34 24.86 -9.23 21.52
CA GLN C 34 25.89 -9.69 20.56
C GLN C 34 25.39 -9.70 19.13
N GLY C 35 24.09 -9.56 18.93
CA GLY C 35 23.63 -9.24 17.61
C GLY C 35 23.42 -10.44 16.70
N HIS C 36 23.44 -11.65 17.25
CA HIS C 36 23.13 -12.83 16.50
C HIS C 36 21.75 -13.31 16.79
N GLU C 37 21.18 -13.98 15.80
CA GLU C 37 19.89 -14.60 15.97
C GLU C 37 19.99 -15.67 17.10
N LEU C 38 19.00 -15.70 18.01
CA LEU C 38 19.02 -16.58 19.17
C LEU C 38 18.55 -17.94 18.78
N SER C 39 19.21 -18.94 19.32
CA SER C 39 18.74 -20.28 19.22
C SER C 39 17.39 -20.42 19.91
N ASN C 40 16.71 -21.53 19.68
CA ASN C 40 15.47 -21.79 20.39
C ASN C 40 15.68 -21.89 21.91
N GLU C 41 16.76 -22.51 22.32
CA GLU C 41 17.07 -22.58 23.73
C GLU C 41 17.31 -21.15 24.32
N GLU C 42 18.13 -20.38 23.66
CA GLU C 42 18.45 -18.98 24.11
C GLU C 42 17.20 -18.09 24.17
N ARG C 43 16.35 -18.19 23.16
CA ARG C 43 15.13 -17.39 23.09
C ARG C 43 14.19 -17.73 24.25
N ASN C 44 14.16 -18.99 24.57
CA ASN C 44 13.39 -19.43 25.74
C ASN C 44 13.98 -18.95 27.06
N LEU C 45 15.29 -19.04 27.24
CA LEU C 45 15.94 -18.50 28.42
C LEU C 45 15.67 -16.98 28.60
N LEU C 46 15.74 -16.23 27.50
CA LEU C 46 15.49 -14.78 27.54
C LEU C 46 14.06 -14.54 28.02
N SER C 47 13.13 -15.26 27.41
CA SER C 47 11.75 -15.12 27.66
C SER C 47 11.36 -15.51 29.10
N VAL C 48 11.92 -16.61 29.59
CA VAL C 48 11.68 -17.03 30.97
C VAL C 48 12.25 -16.06 31.99
N ALA C 49 13.46 -15.56 31.72
CA ALA C 49 14.15 -14.62 32.64
C ALA C 49 13.29 -13.35 32.84
N TYR C 50 12.92 -12.72 31.74
CA TYR C 50 12.15 -11.54 31.85
C TYR C 50 10.74 -11.71 32.32
N LYS C 51 10.11 -12.83 31.98
CA LYS C 51 8.81 -13.12 32.54
C LYS C 51 8.81 -13.13 34.06
N ASN C 52 9.81 -13.80 34.63
CA ASN C 52 9.97 -13.88 36.04
C ASN C 52 10.28 -12.53 36.68
N VAL C 53 11.18 -11.78 36.06
CA VAL C 53 11.60 -10.46 36.58
C VAL C 53 10.42 -9.50 36.61
N VAL C 54 9.71 -9.43 35.49
CA VAL C 54 8.56 -8.54 35.43
C VAL C 54 7.40 -9.02 36.32
N GLY C 55 7.23 -10.34 36.38
CA GLY C 55 6.22 -10.99 37.24
C GLY C 55 6.35 -10.63 38.70
N ALA C 56 7.58 -10.60 39.20
CA ALA C 56 7.82 -10.19 40.57
C ALA C 56 7.44 -8.72 40.82
N ARG C 57 7.80 -7.83 39.91
CA ARG C 57 7.45 -6.42 40.04
C ARG C 57 5.92 -6.16 39.91
N ARG C 58 5.24 -6.95 39.06
CA ARG C 58 3.80 -6.83 38.91
C ARG C 58 3.11 -7.19 40.15
N SER C 59 3.54 -8.28 40.78
CA SER C 59 2.94 -8.75 42.03
C SER C 59 3.16 -7.69 43.14
N SER C 60 4.36 -7.16 43.26
CA SER C 60 4.63 -6.15 44.26
C SER C 60 3.81 -4.88 43.99
N TRP C 61 3.69 -4.48 42.74
CA TRP C 61 2.94 -3.29 42.38
C TRP C 61 1.46 -3.44 42.77
N ARG C 62 0.90 -4.62 42.54
CA ARG C 62 -0.48 -4.86 42.90
C ARG C 62 -0.71 -4.74 44.39
N VAL C 63 0.17 -5.38 45.18
CA VAL C 63 0.08 -5.34 46.63
C VAL C 63 0.13 -3.90 47.13
N ILE C 64 1.13 -3.17 46.68
CA ILE C 64 1.34 -1.79 47.16
C ILE C 64 0.26 -0.78 46.65
N SER C 65 -0.19 -0.97 45.42
CA SER C 65 -1.32 -0.21 44.88
C SER C 65 -2.56 -0.34 45.76
N SER C 66 -2.90 -1.55 46.16
CA SER C 66 -4.07 -1.75 47.07
C SER C 66 -3.97 -0.99 48.37
N ILE C 67 -2.79 -1.07 49.00
CA ILE C 67 -2.47 -0.35 50.20
C ILE C 67 -2.60 1.17 50.03
N GLU C 68 -2.06 1.68 48.94
CA GLU C 68 -2.07 3.11 48.64
C GLU C 68 -3.51 3.64 48.47
N GLN C 69 -4.35 2.89 47.77
CA GLN C 69 -5.77 3.28 47.55
C GLN C 69 -6.61 3.35 48.83
N LYS C 70 -6.26 2.55 49.84
CA LYS C 70 -6.95 2.55 51.13
C LYS C 70 -6.70 3.89 51.82
N THR C 71 -7.76 4.65 52.07
CA THR C 71 -7.68 5.80 52.94
C THR C 71 -7.80 5.34 54.41
N GLU C 72 -6.96 5.81 55.31
CA GLU C 72 -5.53 6.18 55.33
C GLU C 72 -5.50 6.65 56.85
N ARG C 73 -5.12 7.87 57.20
CA ARG C 73 -5.17 8.38 58.64
C ARG C 73 -3.78 8.69 59.03
N ASN C 74 -2.99 7.63 59.03
CA ASN C 74 -1.55 7.80 59.14
C ASN C 74 -1.08 8.43 57.83
N GLU C 75 -0.84 9.74 57.89
CA GLU C 75 -0.45 10.47 56.71
C GLU C 75 0.90 10.08 56.10
N LYS C 76 1.84 9.76 56.96
CA LYS C 76 3.15 9.27 56.50
C LYS C 76 3.05 7.92 55.88
N LYS C 77 2.20 7.04 56.42
CA LYS C 77 1.92 5.76 55.73
C LYS C 77 1.40 6.03 54.33
N GLN C 78 0.51 7.02 54.16
CA GLN C 78 -0.09 7.31 52.84
C GLN C 78 0.96 7.84 51.86
N GLN C 79 1.74 8.81 52.27
CA GLN C 79 2.76 9.38 51.36
C GLN C 79 3.87 8.38 51.00
N MET C 80 4.24 7.51 51.95
CA MET C 80 5.29 6.52 51.68
C MET C 80 4.71 5.41 50.80
N GLY C 81 3.43 5.10 50.95
CA GLY C 81 2.75 4.12 50.10
C GLY C 81 2.80 4.57 48.65
N LYS C 82 2.47 5.84 48.43
CA LYS C 82 2.47 6.43 47.11
C LYS C 82 3.89 6.47 46.53
N GLU C 83 4.86 6.96 47.29
CA GLU C 83 6.22 6.97 46.81
C GLU C 83 6.72 5.56 46.47
N TYR C 84 6.41 4.60 47.29
CA TYR C 84 6.89 3.25 47.08
C TYR C 84 6.23 2.60 45.83
N ARG C 85 4.94 2.84 45.67
CA ARG C 85 4.20 2.38 44.47
C ARG C 85 4.82 2.99 43.24
N GLU C 86 5.16 4.27 43.28
CA GLU C 86 5.82 4.93 42.20
C GLU C 86 7.23 4.38 41.87
N LYS C 87 7.99 4.03 42.90
CA LYS C 87 9.28 3.39 42.72
C LYS C 87 9.14 2.03 42.03
N ILE C 88 8.22 1.20 42.52
CA ILE C 88 7.99 -0.10 41.90
C ILE C 88 7.48 0.06 40.44
N GLU C 89 6.57 1.01 40.18
CA GLU C 89 6.08 1.28 38.83
C GLU C 89 7.20 1.65 37.90
N ALA C 90 8.09 2.55 38.31
CA ALA C 90 9.21 2.91 37.44
C ALA C 90 10.16 1.73 37.17
N GLU C 91 10.36 0.89 38.15
CA GLU C 91 11.16 -0.30 37.99
C GLU C 91 10.56 -1.23 36.93
N LEU C 92 9.28 -1.42 37.04
CA LEU C 92 8.54 -2.22 36.07
C LEU C 92 8.57 -1.65 34.68
N GLN C 93 8.43 -0.33 34.55
CA GLN C 93 8.54 0.32 33.25
C GLN C 93 9.90 0.21 32.69
N ASP C 94 10.93 0.35 33.50
CA ASP C 94 12.28 0.21 33.04
C ASP C 94 12.57 -1.17 32.49
N ILE C 95 12.07 -2.20 33.16
CA ILE C 95 12.23 -3.58 32.68
C ILE C 95 11.55 -3.74 31.35
N CYS C 96 10.27 -3.36 31.21
CA CYS C 96 9.55 -3.53 29.97
C CYS C 96 10.22 -2.70 28.83
N ASN C 97 10.66 -1.51 29.14
CA ASN C 97 11.35 -0.72 28.15
C ASN C 97 12.67 -1.34 27.72
N ASP C 98 13.36 -2.01 28.62
CA ASP C 98 14.56 -2.73 28.25
C ASP C 98 14.23 -3.83 27.26
N VAL C 99 13.21 -4.61 27.56
CA VAL C 99 12.78 -5.70 26.63
C VAL C 99 12.39 -5.15 25.27
N LEU C 100 11.54 -4.15 25.27
CA LEU C 100 11.07 -3.49 24.07
C LEU C 100 12.22 -2.93 23.22
N GLU C 101 13.23 -2.39 23.87
CA GLU C 101 14.49 -1.98 23.19
C GLU C 101 15.26 -3.17 22.61
N LEU C 102 15.40 -4.27 23.32
CA LEU C 102 15.97 -5.48 22.73
C LEU C 102 15.24 -5.95 21.50
N LEU C 103 13.90 -5.96 21.62
CA LEU C 103 13.10 -6.39 20.53
C LEU C 103 13.27 -5.48 19.29
N ASP C 104 13.26 -4.17 19.50
CA ASP C 104 13.28 -3.18 18.41
C ASP C 104 14.68 -3.09 17.82
N LYS C 105 15.71 -3.20 18.65
CA LYS C 105 17.09 -3.10 18.16
C LYS C 105 17.72 -4.36 17.64
N TYR C 106 17.44 -5.53 18.22
CA TYR C 106 18.13 -6.71 17.84
C TYR C 106 17.17 -7.81 17.35
N LEU C 107 16.18 -8.17 18.15
CA LEU C 107 15.49 -9.48 17.91
C LEU C 107 14.61 -9.41 16.65
N ILE C 108 13.78 -8.40 16.57
CA ILE C 108 12.86 -8.29 15.47
C ILE C 108 13.58 -8.06 14.13
N LEU C 109 14.49 -7.08 14.08
CA LEU C 109 15.14 -6.84 12.81
C LEU C 109 16.11 -7.90 12.34
N ASN C 110 16.72 -8.66 13.25
CA ASN C 110 17.60 -9.77 12.87
C ASN C 110 16.89 -11.08 12.60
N ALA C 111 15.58 -11.16 12.83
CA ALA C 111 14.89 -12.44 12.70
C ALA C 111 14.72 -12.73 11.17
N THR C 112 15.18 -13.88 10.79
CA THR C 112 15.33 -14.18 9.40
C THR C 112 14.20 -15.17 8.91
N GLN C 113 13.44 -15.76 9.83
CA GLN C 113 12.36 -16.67 9.46
C GLN C 113 11.08 -16.26 10.15
N ALA C 114 9.97 -16.69 9.59
CA ALA C 114 8.66 -16.19 10.01
C ALA C 114 8.33 -16.56 11.44
N GLU C 115 8.69 -17.77 11.87
CA GLU C 115 8.30 -18.22 13.19
C GLU C 115 8.92 -17.37 14.31
N SER C 116 10.20 -17.05 14.14
CA SER C 116 10.92 -16.13 15.09
C SER C 116 10.33 -14.77 15.05
N LYS C 117 10.09 -14.28 13.87
CA LYS C 117 9.52 -12.96 13.76
C LYS C 117 8.18 -12.83 14.50
N VAL C 118 7.32 -13.83 14.30
CA VAL C 118 6.05 -13.88 15.04
C VAL C 118 6.26 -13.99 16.54
N PHE C 119 7.18 -14.84 16.95
CA PHE C 119 7.45 -14.97 18.39
C PHE C 119 7.81 -13.59 18.99
N TYR C 120 8.69 -12.87 18.33
CA TYR C 120 9.16 -11.59 18.91
C TYR C 120 8.14 -10.50 18.80
N LEU C 121 7.38 -10.44 17.72
CA LEU C 121 6.26 -9.47 17.64
C LEU C 121 5.18 -9.73 18.68
N LYS C 122 4.90 -11.02 18.95
CA LYS C 122 4.02 -11.39 20.04
C LYS C 122 4.53 -10.91 21.37
N MET C 123 5.83 -11.09 21.62
CA MET C 123 6.44 -10.63 22.82
C MET C 123 6.35 -9.11 22.95
N LYS C 124 6.54 -8.37 21.88
CA LYS C 124 6.37 -6.91 21.87
C LYS C 124 4.93 -6.57 22.28
N GLY C 125 3.95 -7.29 21.76
CA GLY C 125 2.55 -7.10 22.17
C GLY C 125 2.35 -7.34 23.66
N ASP C 126 2.96 -8.43 24.15
CA ASP C 126 2.86 -8.83 25.54
C ASP C 126 3.48 -7.76 26.45
N TYR C 127 4.65 -7.20 26.09
CA TYR C 127 5.32 -6.20 26.96
C TYR C 127 4.63 -4.83 26.93
N PHE C 128 4.12 -4.37 25.78
CA PHE C 128 3.23 -3.18 25.78
C PHE C 128 2.00 -3.41 26.67
N ARG C 129 1.47 -4.63 26.66
CA ARG C 129 0.30 -4.95 27.48
C ARG C 129 0.69 -4.83 28.97
N TYR C 130 1.84 -5.35 29.37
CA TYR C 130 2.29 -5.18 30.73
C TYR C 130 2.47 -3.70 31.06
N LEU C 131 3.05 -2.89 30.20
CA LEU C 131 3.13 -1.43 30.47
C LEU C 131 1.77 -0.78 30.63
N SER C 132 0.78 -1.25 29.85
CA SER C 132 -0.60 -0.72 29.92
C SER C 132 -1.23 -0.93 31.30
N GLU C 133 -0.83 -1.95 32.01
CA GLU C 133 -1.43 -2.23 33.32
C GLU C 133 -1.13 -1.16 34.34
N VAL C 134 0.00 -0.47 34.17
CA VAL C 134 0.40 0.54 35.12
C VAL C 134 0.37 1.95 34.56
N ALA C 135 0.01 2.10 33.30
CA ALA C 135 0.08 3.38 32.67
C ALA C 135 -1.18 4.14 33.11
N SER C 136 -1.13 5.45 33.00
CA SER C 136 -2.32 6.27 33.12
C SER C 136 -2.35 7.37 32.04
N GLY C 137 -3.52 7.98 31.93
CA GLY C 137 -3.70 9.16 31.08
C GLY C 137 -3.53 8.82 29.62
N GLU C 138 -2.90 9.73 28.89
CA GLU C 138 -2.70 9.53 27.46
C GLU C 138 -1.74 8.41 27.18
N ASN C 139 -0.75 8.25 28.05
CA ASN C 139 0.23 7.22 27.86
C ASN C 139 -0.43 5.86 27.85
N LYS C 140 -1.51 5.66 28.60
CA LYS C 140 -2.18 4.40 28.60
C LYS C 140 -2.74 4.03 27.22
N GLN C 141 -3.46 4.98 26.58
CA GLN C 141 -4.02 4.72 25.27
C GLN C 141 -2.93 4.38 24.25
N THR C 142 -1.78 5.03 24.35
CA THR C 142 -0.66 4.75 23.50
C THR C 142 -0.09 3.34 23.69
N THR C 143 0.03 2.89 24.92
CA THR C 143 0.59 1.55 25.18
C THR C 143 -0.38 0.47 24.65
N VAL C 144 -1.67 0.70 24.82
CA VAL C 144 -2.70 -0.21 24.35
C VAL C 144 -2.70 -0.32 22.85
N SER C 145 -2.59 0.83 22.20
CA SER C 145 -2.46 0.90 20.80
C SER C 145 -1.21 0.21 20.24
N ASN C 146 -0.09 0.42 20.90
CA ASN C 146 1.15 -0.23 20.49
C ASN C 146 1.11 -1.75 20.72
N SER C 147 0.42 -2.21 21.75
CA SER C 147 0.25 -3.65 21.95
C SER C 147 -0.54 -4.22 20.80
N GLN C 148 -1.69 -3.62 20.54
CA GLN C 148 -2.58 -4.09 19.42
C GLN C 148 -1.84 -4.15 18.12
N GLN C 149 -1.09 -3.13 17.82
CA GLN C 149 -0.34 -3.05 16.58
C GLN C 149 0.70 -4.17 16.44
N ALA C 150 1.40 -4.48 17.51
CA ALA C 150 2.40 -5.52 17.49
C ALA C 150 1.77 -6.87 17.33
N TYR C 151 0.70 -7.14 18.08
CA TYR C 151 -0.03 -8.43 17.90
C TYR C 151 -0.59 -8.57 16.48
N GLN C 152 -1.15 -7.48 15.93
CA GLN C 152 -1.70 -7.52 14.58
C GLN C 152 -0.65 -7.87 13.55
N GLU C 153 0.52 -7.24 13.66
CA GLU C 153 1.59 -7.52 12.72
C GLU C 153 2.06 -8.95 12.83
N ALA C 154 2.22 -9.44 14.06
CA ALA C 154 2.56 -10.86 14.27
C ALA C 154 1.50 -11.78 13.63
N PHE C 155 0.25 -11.43 13.83
CA PHE C 155 -0.83 -12.27 13.41
C PHE C 155 -0.94 -12.40 11.91
N GLU C 156 -0.78 -11.30 11.20
CA GLU C 156 -0.77 -11.32 9.75
C GLU C 156 0.35 -12.19 9.18
N ILE C 157 1.56 -12.06 9.75
CA ILE C 157 2.63 -12.95 9.34
C ILE C 157 2.31 -14.44 9.63
N SER C 158 1.79 -14.73 10.81
CA SER C 158 1.56 -16.09 11.20
C SER C 158 0.52 -16.74 10.25
N LYS C 159 -0.48 -15.97 9.85
CA LYS C 159 -1.52 -16.51 8.95
C LYS C 159 -0.97 -16.79 7.60
N LYS C 160 -0.03 -16.00 7.14
CA LYS C 160 0.59 -16.18 5.85
C LYS C 160 1.62 -17.28 5.86
N GLU C 161 2.35 -17.48 6.94
CA GLU C 161 3.57 -18.28 6.88
C GLU C 161 3.58 -19.50 7.77
N MET C 162 2.61 -19.65 8.67
CA MET C 162 2.70 -20.73 9.63
C MET C 162 1.47 -21.62 9.62
N GLN C 163 1.64 -22.87 10.03
CA GLN C 163 0.49 -23.76 10.13
C GLN C 163 -0.42 -23.40 11.30
N PRO C 164 -1.72 -23.56 11.09
CA PRO C 164 -2.67 -23.17 12.14
C PRO C 164 -2.58 -23.93 13.43
N THR C 165 -1.97 -25.12 13.37
CA THR C 165 -1.72 -25.87 14.58
C THR C 165 -0.36 -25.57 15.22
N HIS C 166 0.45 -24.70 14.61
CA HIS C 166 1.76 -24.39 15.22
C HIS C 166 1.54 -23.73 16.58
N PRO C 167 2.21 -24.20 17.64
CA PRO C 167 1.99 -23.65 19.00
C PRO C 167 2.23 -22.16 19.13
N ILE C 168 3.15 -21.59 18.36
CA ILE C 168 3.42 -20.12 18.41
C ILE C 168 2.28 -19.35 17.80
N ARG C 169 1.75 -19.83 16.68
CA ARG C 169 0.57 -19.22 16.07
C ARG C 169 -0.64 -19.36 17.01
N LEU C 170 -0.81 -20.53 17.61
CA LEU C 170 -1.94 -20.72 18.48
C LEU C 170 -1.84 -19.82 19.72
N GLY C 171 -0.63 -19.68 20.28
CA GLY C 171 -0.37 -18.90 21.47
C GLY C 171 -0.60 -17.44 21.19
N LEU C 172 -0.25 -16.99 20.00
CA LEU C 172 -0.56 -15.63 19.58
C LEU C 172 -2.07 -15.37 19.52
N ALA C 173 -2.81 -16.29 18.90
CA ALA C 173 -4.26 -16.15 18.87
C ALA C 173 -4.90 -16.09 20.26
N LEU C 174 -4.38 -16.91 21.16
CA LEU C 174 -4.81 -16.88 22.51
C LEU C 174 -4.55 -15.53 23.16
N ASN C 175 -3.32 -15.04 23.11
CA ASN C 175 -3.00 -13.73 23.76
C ASN C 175 -3.75 -12.60 23.11
N PHE C 176 -3.84 -12.61 21.80
CA PHE C 176 -4.45 -11.53 21.09
C PHE C 176 -5.96 -11.48 21.31
N SER C 177 -6.62 -12.63 21.32
CA SER C 177 -8.06 -12.65 21.61
C SER C 177 -8.36 -12.20 23.03
N VAL C 178 -7.53 -12.61 23.99
CA VAL C 178 -7.69 -12.19 25.37
C VAL C 178 -7.42 -10.68 25.58
N PHE C 179 -6.41 -10.14 24.87
CA PHE C 179 -6.20 -8.73 24.76
C PHE C 179 -7.50 -8.01 24.35
N TYR C 180 -8.15 -8.45 23.29
CA TYR C 180 -9.35 -7.75 22.86
C TYR C 180 -10.42 -7.86 23.92
N TYR C 181 -10.54 -9.04 24.55
CA TYR C 181 -11.58 -9.23 25.56
C TYR C 181 -11.33 -8.42 26.81
N GLU C 182 -10.12 -8.50 27.36
CA GLU C 182 -9.80 -7.96 28.67
C GLU C 182 -9.31 -6.53 28.62
N ILE C 183 -8.53 -6.17 27.61
CA ILE C 183 -7.91 -4.85 27.60
C ILE C 183 -8.81 -3.90 26.79
N LEU C 184 -9.25 -4.33 25.61
CA LEU C 184 -10.05 -3.43 24.79
C LEU C 184 -11.55 -3.59 25.03
N ASN C 185 -11.96 -4.47 25.94
CA ASN C 185 -13.38 -4.64 26.17
C ASN C 185 -14.17 -4.88 24.86
N SER C 186 -13.67 -5.79 24.02
CA SER C 186 -14.34 -6.10 22.76
C SER C 186 -14.57 -7.57 22.68
N PRO C 187 -15.57 -8.11 23.42
CA PRO C 187 -15.86 -9.51 23.43
C PRO C 187 -16.22 -10.10 22.08
N GLU C 188 -16.90 -9.35 21.23
CA GLU C 188 -17.26 -9.89 19.93
C GLU C 188 -16.05 -10.16 19.02
N LYS C 189 -15.12 -9.21 18.96
CA LYS C 189 -13.89 -9.39 18.19
C LYS C 189 -13.07 -10.49 18.85
N ALA C 190 -13.00 -10.51 20.18
CA ALA C 190 -12.29 -11.55 20.88
C ALA C 190 -12.79 -12.94 20.45
N CYS C 191 -14.10 -13.16 20.48
CA CYS C 191 -14.65 -14.47 20.09
C CYS C 191 -14.41 -14.82 18.64
N SER C 192 -14.53 -13.82 17.78
CA SER C 192 -14.33 -14.02 16.35
C SER C 192 -12.87 -14.48 16.09
N LEU C 193 -11.94 -13.82 16.73
CA LEU C 193 -10.58 -14.15 16.53
C LEU C 193 -10.24 -15.54 17.08
N ALA C 194 -10.67 -15.85 18.31
CA ALA C 194 -10.41 -17.16 18.89
C ALA C 194 -11.09 -18.28 18.08
N LYS C 195 -12.32 -18.04 17.68
CA LYS C 195 -13.08 -19.07 16.92
C LYS C 195 -12.47 -19.38 15.59
N THR C 196 -12.06 -18.34 14.87
CA THR C 196 -11.35 -18.55 13.65
C THR C 196 -10.10 -19.34 13.86
N ALA C 197 -9.28 -18.96 14.83
CA ALA C 197 -8.01 -19.67 15.03
C ALA C 197 -8.27 -21.16 15.39
N PHE C 198 -9.24 -21.32 16.27
CA PHE C 198 -9.58 -22.68 16.73
C PHE C 198 -10.07 -23.55 15.55
N ASP C 199 -11.03 -23.00 14.79
CA ASP C 199 -11.57 -23.68 13.60
C ASP C 199 -10.55 -24.00 12.52
N GLU C 200 -9.62 -23.08 12.29
CA GLU C 200 -8.55 -23.37 11.40
C GLU C 200 -7.67 -24.48 11.88
N ALA C 201 -7.33 -24.52 13.16
CA ALA C 201 -6.47 -25.57 13.67
C ALA C 201 -7.17 -26.94 13.52
N ILE C 202 -8.41 -27.00 13.94
CA ILE C 202 -9.13 -28.30 13.90
C ILE C 202 -9.47 -28.83 12.50
N ALA C 203 -9.52 -27.94 11.52
CA ALA C 203 -9.62 -28.33 10.11
C ALA C 203 -8.32 -28.97 9.58
N GLU C 204 -7.22 -28.88 10.30
CA GLU C 204 -5.94 -29.41 9.80
C GLU C 204 -5.29 -30.32 10.80
N LEU C 205 -6.06 -31.24 11.37
CA LEU C 205 -5.48 -32.17 12.31
C LEU C 205 -4.27 -32.99 11.81
N ASP C 206 -4.20 -33.22 10.51
CA ASP C 206 -3.15 -33.94 9.90
C ASP C 206 -1.85 -33.16 10.03
N THR C 207 -1.89 -31.88 10.35
CA THR C 207 -0.61 -31.15 10.50
C THR C 207 -0.01 -31.24 11.92
N LEU C 208 -0.72 -31.90 12.83
CA LEU C 208 -0.18 -32.21 14.15
C LEU C 208 1.06 -33.12 14.03
N ASN C 209 1.95 -33.06 15.03
CA ASN C 209 3.18 -33.83 15.08
C ASN C 209 3.29 -34.46 16.42
N GLU C 210 3.90 -35.63 16.50
CA GLU C 210 4.13 -36.22 17.80
C GLU C 210 4.85 -35.23 18.72
N GLU C 211 5.85 -34.54 18.19
CA GLU C 211 6.76 -33.70 19.01
C GLU C 211 6.03 -32.52 19.64
N SER C 212 5.03 -31.98 18.98
CA SER C 212 4.37 -30.74 19.44
C SER C 212 2.87 -31.00 19.72
N TYR C 213 2.45 -32.26 19.70
CA TYR C 213 1.05 -32.60 19.90
C TYR C 213 0.51 -32.03 21.19
N LYS C 214 1.24 -32.21 22.27
CA LYS C 214 0.87 -31.73 23.58
C LYS C 214 0.78 -30.22 23.62
N ASP C 215 1.81 -29.55 23.10
CA ASP C 215 1.88 -28.10 23.12
C ASP C 215 0.73 -27.48 22.30
N SER C 216 0.40 -28.04 21.15
CA SER C 216 -0.70 -27.56 20.30
C SER C 216 -2.01 -27.80 20.98
N THR C 217 -2.27 -29.04 21.44
CA THR C 217 -3.61 -29.30 21.96
C THR C 217 -3.89 -28.60 23.25
N LEU C 218 -2.87 -28.38 24.05
CA LEU C 218 -3.03 -27.59 25.25
C LEU C 218 -3.52 -26.19 25.01
N ILE C 219 -2.93 -25.52 24.02
CA ILE C 219 -3.39 -24.18 23.67
C ILE C 219 -4.76 -24.17 22.99
N MET C 220 -5.02 -25.15 22.11
CA MET C 220 -6.36 -25.29 21.50
C MET C 220 -7.41 -25.39 22.61
N GLN C 221 -7.09 -26.13 23.64
CA GLN C 221 -8.05 -26.27 24.73
C GLN C 221 -8.27 -24.97 25.49
N LEU C 222 -7.24 -24.17 25.62
CA LEU C 222 -7.37 -22.86 26.26
C LEU C 222 -8.25 -21.93 25.41
N LEU C 223 -8.09 -21.96 24.09
CA LEU C 223 -8.92 -21.18 23.17
C LEU C 223 -10.38 -21.67 23.33
N ARG C 224 -10.58 -22.95 23.29
CA ARG C 224 -11.93 -23.54 23.37
C ARG C 224 -12.59 -23.20 24.68
N ASP C 225 -11.84 -23.26 25.77
CA ASP C 225 -12.37 -22.84 27.09
C ASP C 225 -12.81 -21.37 27.14
N ASN C 226 -12.00 -20.49 26.59
CA ASN C 226 -12.42 -19.09 26.50
C ASN C 226 -13.66 -18.96 25.65
N LEU C 227 -13.69 -19.59 24.50
CA LEU C 227 -14.89 -19.50 23.66
C LEU C 227 -16.14 -20.05 24.36
N THR C 228 -16.03 -21.13 25.10
CA THR C 228 -17.20 -21.66 25.82
C THR C 228 -17.67 -20.66 26.85
N LEU C 229 -16.75 -20.10 27.62
CA LEU C 229 -17.06 -19.12 28.59
C LEU C 229 -17.66 -17.88 27.98
N TRP C 230 -17.00 -17.31 26.94
CA TRP C 230 -17.51 -16.10 26.35
C TRP C 230 -18.83 -16.26 25.62
N THR C 231 -19.07 -17.42 24.99
CA THR C 231 -20.29 -17.68 24.27
C THR C 231 -21.43 -17.73 25.28
N SER C 232 -21.18 -18.30 26.44
CA SER C 232 -22.20 -18.36 27.49
C SER C 232 -22.58 -17.00 28.11
N GLU C 233 -21.82 -15.91 27.86
CA GLU C 233 -22.07 -14.55 28.43
C GLU C 233 -23.05 -13.68 27.63
N MET D 1 35.59 38.50 14.03
CA MET D 1 36.76 38.53 14.94
C MET D 1 37.91 37.73 14.25
N THR D 2 39.07 38.00 14.83
CA THR D 2 40.33 37.52 14.37
C THR D 2 40.64 36.20 15.10
N MET D 3 39.78 35.83 16.06
CA MET D 3 39.86 34.55 16.76
C MET D 3 39.59 33.44 15.80
N ASP D 4 40.15 32.28 16.07
CA ASP D 4 39.81 31.27 15.11
C ASP D 4 38.35 30.73 15.23
N LYS D 5 37.82 30.41 14.09
CA LYS D 5 36.39 30.11 13.94
C LYS D 5 36.02 28.89 14.77
N SER D 6 36.85 27.85 14.81
CA SER D 6 36.43 26.64 15.58
C SER D 6 36.36 26.95 17.08
N GLU D 7 37.23 27.84 17.57
CA GLU D 7 37.18 28.27 18.98
C GLU D 7 35.90 29.09 19.27
N LEU D 8 35.58 30.02 18.40
CA LEU D 8 34.35 30.81 18.57
C LEU D 8 33.11 29.91 18.58
N VAL D 9 33.06 28.94 17.69
CA VAL D 9 31.95 28.01 17.65
C VAL D 9 31.88 27.21 18.93
N GLN D 10 33.03 26.75 19.43
CA GLN D 10 32.99 25.98 20.68
C GLN D 10 32.50 26.86 21.85
N LYS D 11 32.98 28.11 21.89
CA LYS D 11 32.49 29.08 22.88
C LYS D 11 30.98 29.33 22.80
N ALA D 12 30.45 29.40 21.59
CA ALA D 12 29.01 29.55 21.40
C ALA D 12 28.27 28.38 22.00
N LYS D 13 28.78 27.17 21.79
CA LYS D 13 28.16 25.99 22.34
C LYS D 13 28.21 25.91 23.87
N LEU D 14 29.32 26.33 24.42
CA LEU D 14 29.46 26.40 25.88
C LEU D 14 28.52 27.46 26.51
N ALA D 15 28.44 28.61 25.86
CA ALA D 15 27.54 29.67 26.23
C ALA D 15 26.08 29.22 26.25
N GLU D 16 25.67 28.47 25.20
CA GLU D 16 24.33 27.90 25.14
C GLU D 16 24.10 26.99 26.35
N GLN D 17 25.03 26.08 26.65
CA GLN D 17 24.88 25.17 27.78
C GLN D 17 24.79 25.94 29.12
N ALA D 18 25.54 27.04 29.24
CA ALA D 18 25.50 27.85 30.44
C ALA D 18 24.29 28.80 30.48
N GLU D 19 23.44 28.79 29.46
CA GLU D 19 22.34 29.72 29.29
C GLU D 19 22.80 31.16 29.32
N ARG D 20 23.90 31.45 28.62
CA ARG D 20 24.44 32.77 28.54
C ARG D 20 24.26 33.21 27.10
N TYR D 21 23.04 33.55 26.73
CA TYR D 21 22.74 33.71 25.33
C TYR D 21 23.34 34.99 24.73
N ASP D 22 23.54 36.02 25.55
CA ASP D 22 24.24 37.20 25.01
C ASP D 22 25.68 36.87 24.57
N ASP D 23 26.38 36.05 25.36
CA ASP D 23 27.67 35.54 24.93
C ASP D 23 27.56 34.68 23.68
N MET D 24 26.57 33.80 23.62
CA MET D 24 26.38 32.94 22.43
C MET D 24 26.27 33.78 21.19
N ALA D 25 25.45 34.81 21.27
CA ALA D 25 25.23 35.70 20.14
C ALA D 25 26.52 36.44 19.78
N ALA D 26 27.26 36.94 20.76
CA ALA D 26 28.55 37.61 20.50
C ALA D 26 29.54 36.70 19.77
N ALA D 27 29.61 35.43 20.22
CA ALA D 27 30.48 34.43 19.50
C ALA D 27 30.04 34.23 18.07
N MET D 28 28.72 34.11 17.82
CA MET D 28 28.29 33.81 16.49
C MET D 28 28.33 35.07 15.58
N LYS D 29 28.16 36.25 16.15
CA LYS D 29 28.38 37.48 15.44
C LYS D 29 29.84 37.54 14.94
N ALA D 30 30.79 37.22 15.83
CA ALA D 30 32.17 37.19 15.47
C ALA D 30 32.47 36.18 14.38
N VAL D 31 31.85 35.00 14.42
CA VAL D 31 32.00 34.02 13.33
C VAL D 31 31.50 34.61 12.04
N THR D 32 30.29 35.18 12.09
CA THR D 32 29.68 35.77 10.91
C THR D 32 30.60 36.86 10.29
N GLU D 33 31.20 37.65 11.13
CA GLU D 33 32.07 38.75 10.70
C GLU D 33 33.37 38.32 10.04
N GLN D 34 33.68 37.05 10.13
CA GLN D 34 34.80 36.49 9.31
C GLN D 34 34.50 36.49 7.83
N GLY D 35 33.23 36.63 7.48
CA GLY D 35 32.82 36.87 6.11
C GLY D 35 32.70 35.62 5.24
N HIS D 36 32.63 34.44 5.85
CA HIS D 36 32.40 33.21 5.11
C HIS D 36 30.97 32.78 5.27
N GLU D 37 30.48 32.05 4.31
CA GLU D 37 29.19 31.41 4.45
C GLU D 37 29.18 30.49 5.68
N LEU D 38 28.07 30.50 6.42
CA LEU D 38 27.92 29.70 7.60
C LEU D 38 27.49 28.29 7.22
N SER D 39 28.05 27.33 7.90
CA SER D 39 27.58 25.99 7.80
C SER D 39 26.14 25.93 8.33
N ASN D 40 25.42 24.87 8.04
CA ASN D 40 24.07 24.71 8.63
C ASN D 40 24.11 24.64 10.15
N GLU D 41 25.11 24.01 10.74
CA GLU D 41 25.27 23.97 12.19
C GLU D 41 25.46 25.41 12.73
N GLU D 42 26.35 26.20 12.09
CA GLU D 42 26.62 27.60 12.50
C GLU D 42 25.42 28.52 12.33
N ARG D 43 24.67 28.37 11.27
CA ARG D 43 23.49 29.21 10.99
C ARG D 43 22.49 28.93 12.08
N ASN D 44 22.34 27.66 12.46
CA ASN D 44 21.42 27.30 13.55
C ASN D 44 21.84 27.88 14.87
N LEU D 45 23.12 27.83 15.22
CA LEU D 45 23.60 28.46 16.44
C LEU D 45 23.33 29.99 16.46
N LEU D 46 23.59 30.66 15.34
CA LEU D 46 23.38 32.11 15.27
C LEU D 46 21.91 32.40 15.49
N SER D 47 21.04 31.63 14.84
CA SER D 47 19.62 31.80 14.89
C SER D 47 19.08 31.54 16.26
N VAL D 48 19.51 30.49 16.93
CA VAL D 48 19.08 30.20 18.30
C VAL D 48 19.56 31.28 19.31
N ALA D 49 20.80 31.72 19.15
CA ALA D 49 21.38 32.70 20.05
C ALA D 49 20.51 33.94 20.02
N TYR D 50 20.33 34.54 18.84
CA TYR D 50 19.64 35.80 18.77
C TYR D 50 18.13 35.66 19.11
N LYS D 51 17.55 34.53 18.78
CA LYS D 51 16.14 34.28 19.15
C LYS D 51 15.97 34.39 20.68
N ASN D 52 16.88 33.80 21.42
CA ASN D 52 16.87 33.85 22.86
C ASN D 52 17.20 35.22 23.41
N VAL D 53 18.11 35.93 22.78
CA VAL D 53 18.49 37.27 23.24
C VAL D 53 17.33 38.24 23.04
N VAL D 54 16.77 38.26 21.84
CA VAL D 54 15.70 39.16 21.54
C VAL D 54 14.43 38.74 22.27
N GLY D 55 14.18 37.43 22.38
CA GLY D 55 12.98 36.88 23.05
C GLY D 55 12.90 37.37 24.49
N ALA D 56 14.03 37.37 25.20
CA ALA D 56 14.06 37.83 26.56
C ALA D 56 13.65 39.33 26.69
N ARG D 57 14.12 40.15 25.79
CA ARG D 57 13.73 41.56 25.76
C ARG D 57 12.24 41.76 25.37
N ARG D 58 11.76 40.96 24.41
CA ARG D 58 10.36 41.09 24.00
C ARG D 58 9.40 40.67 25.13
N SER D 59 9.76 39.61 25.84
CA SER D 59 8.99 39.14 26.97
C SER D 59 9.02 40.22 28.10
N SER D 60 10.17 40.82 28.38
CA SER D 60 10.26 41.92 29.34
C SER D 60 9.40 43.12 28.91
N TRP D 61 9.46 43.47 27.64
CA TRP D 61 8.69 44.59 27.12
C TRP D 61 7.20 44.35 27.32
N ARG D 62 6.74 43.14 27.05
CA ARG D 62 5.34 42.79 27.25
C ARG D 62 4.91 42.89 28.71
N VAL D 63 5.72 42.38 29.61
CA VAL D 63 5.44 42.48 31.05
C VAL D 63 5.30 43.94 31.50
N ILE D 64 6.26 44.77 31.09
CA ILE D 64 6.27 46.17 31.51
C ILE D 64 5.09 46.96 30.88
N SER D 65 4.82 46.70 29.61
CA SER D 65 3.63 47.28 28.94
C SER D 65 2.29 46.90 29.62
N SER D 66 2.14 45.65 30.04
CA SER D 66 0.92 45.20 30.82
C SER D 66 0.75 45.91 32.15
N ILE D 67 1.84 46.01 32.90
CA ILE D 67 1.86 46.77 34.15
C ILE D 67 1.43 48.23 33.93
N GLU D 68 2.00 48.88 32.93
CA GLU D 68 1.63 50.24 32.56
C GLU D 68 0.12 50.32 32.19
N GLN D 69 -0.32 49.38 31.38
CA GLN D 69 -1.77 49.12 30.99
C GLN D 69 -2.58 49.33 32.22
N LYS D 70 -2.26 48.56 33.25
CA LYS D 70 -3.08 48.47 34.43
C LYS D 70 -3.22 49.89 34.93
N THR D 71 -4.17 50.55 34.28
CA THR D 71 -4.72 51.88 34.61
C THR D 71 -4.37 52.29 36.04
N GLU D 72 -3.20 52.89 36.21
CA GLU D 72 -2.86 53.47 37.45
C GLU D 72 -3.23 54.94 37.33
N ARG D 73 -3.77 55.41 38.44
CA ARG D 73 -3.67 56.81 38.82
C ARG D 73 -2.22 56.93 39.34
N ASN D 74 -2.03 57.23 40.63
CA ASN D 74 -0.65 57.39 41.23
C ASN D 74 0.47 58.15 40.39
N GLU D 75 0.32 58.27 39.05
CA GLU D 75 1.07 59.11 38.11
C GLU D 75 2.54 58.78 38.01
N LYS D 76 3.18 58.64 39.16
CA LYS D 76 4.58 58.32 39.20
C LYS D 76 4.83 56.91 38.75
N LYS D 77 4.00 55.95 39.18
CA LYS D 77 4.14 54.58 38.68
C LYS D 77 4.07 54.56 37.13
N GLN D 78 3.12 55.30 36.58
CA GLN D 78 2.90 55.37 35.13
C GLN D 78 4.11 55.92 34.41
N GLN D 79 4.69 57.03 34.91
CA GLN D 79 5.88 57.63 34.32
C GLN D 79 7.14 56.76 34.43
N MET D 80 7.27 56.02 35.53
CA MET D 80 8.46 55.11 35.70
C MET D 80 8.30 53.87 34.82
N GLY D 81 7.06 53.42 34.65
CA GLY D 81 6.75 52.32 33.75
C GLY D 81 7.14 52.67 32.32
N LYS D 82 6.78 53.89 31.90
CA LYS D 82 7.13 54.39 30.59
C LYS D 82 8.64 54.51 30.40
N GLU D 83 9.31 55.12 31.35
CA GLU D 83 10.78 55.23 31.22
C GLU D 83 11.45 53.86 31.14
N TYR D 84 10.99 52.93 31.94
CA TYR D 84 11.61 51.60 31.95
C TYR D 84 11.34 50.84 30.66
N ARG D 85 10.10 50.95 30.15
CA ARG D 85 9.75 50.37 28.87
C ARG D 85 10.64 50.95 27.77
N GLU D 86 10.80 52.26 27.78
CA GLU D 86 11.67 52.90 26.81
C GLU D 86 13.13 52.40 26.82
N LYS D 87 13.65 52.15 28.01
CA LYS D 87 14.97 51.52 28.19
C LYS D 87 15.01 50.10 27.55
N ILE D 88 14.01 49.29 27.79
CA ILE D 88 13.90 47.94 27.14
C ILE D 88 13.79 48.11 25.62
N GLU D 89 12.98 49.07 25.16
CA GLU D 89 12.85 49.31 23.75
C GLU D 89 14.18 49.64 23.08
N ALA D 90 14.96 50.50 23.69
CA ALA D 90 16.26 50.85 23.08
C ALA D 90 17.19 49.65 22.99
N GLU D 91 17.14 48.80 24.01
CA GLU D 91 17.93 47.58 24.05
C GLU D 91 17.56 46.64 22.91
N LEU D 92 16.26 46.46 22.78
CA LEU D 92 15.69 45.63 21.72
C LEU D 92 16.04 46.18 20.36
N GLN D 93 15.98 47.48 20.18
CA GLN D 93 16.38 48.08 18.94
C GLN D 93 17.83 47.89 18.60
N ASP D 94 18.67 47.96 19.59
CA ASP D 94 20.10 47.71 19.33
C ASP D 94 20.36 46.26 18.87
N ILE D 95 19.69 45.33 19.51
CA ILE D 95 19.85 43.91 19.12
C ILE D 95 19.34 43.69 17.70
N CYS D 96 18.15 44.18 17.39
CA CYS D 96 17.60 43.95 16.07
C CYS D 96 18.45 44.62 15.00
N ASN D 97 18.93 45.81 15.26
CA ASN D 97 19.76 46.50 14.30
C ASN D 97 21.08 45.79 14.10
N ASP D 98 21.64 45.14 15.12
CA ASP D 98 22.86 44.33 14.96
C ASP D 98 22.60 43.14 14.03
N VAL D 99 21.48 42.45 14.26
CA VAL D 99 21.12 41.33 13.40
C VAL D 99 20.91 41.71 11.94
N LEU D 100 20.14 42.78 11.75
CA LEU D 100 19.85 43.29 10.44
C LEU D 100 21.12 43.68 9.69
N GLU D 101 22.06 44.29 10.38
CA GLU D 101 23.39 44.59 9.76
C GLU D 101 24.15 43.34 9.36
N LEU D 102 24.16 42.31 10.23
CA LEU D 102 24.74 41.02 9.85
C LEU D 102 24.11 40.45 8.62
N LEU D 103 22.79 40.50 8.59
CA LEU D 103 22.06 39.96 7.46
C LEU D 103 22.41 40.66 6.13
N ASP D 104 22.45 41.99 6.16
CA ASP D 104 22.66 42.78 5.01
C ASP D 104 24.13 42.72 4.58
N LYS D 105 25.04 42.78 5.52
CA LYS D 105 26.46 42.81 5.19
C LYS D 105 27.09 41.45 4.88
N TYR D 106 26.67 40.40 5.58
CA TYR D 106 27.39 39.15 5.41
C TYR D 106 26.47 37.97 4.97
N LEU D 107 25.35 37.79 5.68
CA LEU D 107 24.63 36.52 5.54
C LEU D 107 23.92 36.43 4.19
N ILE D 108 23.12 37.41 3.85
CA ILE D 108 22.35 37.35 2.64
C ILE D 108 23.27 37.29 1.42
N LEU D 109 24.25 38.18 1.34
CA LEU D 109 25.17 38.17 0.22
C LEU D 109 25.99 36.88 0.04
N ASN D 110 26.42 36.27 1.11
CA ASN D 110 27.29 35.08 1.00
C ASN D 110 26.53 33.75 0.83
N ALA D 111 25.20 33.79 0.90
CA ALA D 111 24.37 32.58 0.83
C ALA D 111 24.42 31.91 -0.55
N THR D 112 24.72 30.62 -0.59
CA THR D 112 24.72 29.83 -1.81
C THR D 112 23.38 29.20 -2.21
N GLN D 113 22.82 28.34 -1.39
CA GLN D 113 21.56 27.65 -1.77
C GLN D 113 20.38 28.62 -1.64
N ALA D 114 19.35 28.46 -2.47
CA ALA D 114 18.06 29.21 -2.33
C ALA D 114 17.51 29.05 -0.93
N GLU D 115 17.64 27.87 -0.35
CA GLU D 115 17.07 27.66 0.98
C GLU D 115 17.68 28.61 2.02
N SER D 116 19.01 28.78 1.94
CA SER D 116 19.70 29.70 2.83
C SER D 116 19.33 31.10 2.64
N LYS D 117 19.23 31.50 1.39
CA LYS D 117 18.81 32.81 1.09
C LYS D 117 17.41 33.11 1.66
N VAL D 118 16.48 32.17 1.47
CA VAL D 118 15.14 32.28 2.05
C VAL D 118 15.18 32.35 3.58
N PHE D 119 16.02 31.49 4.19
CA PHE D 119 16.17 31.49 5.63
C PHE D 119 16.56 32.87 6.16
N TYR D 120 17.54 33.48 5.53
CA TYR D 120 18.05 34.77 5.97
C TYR D 120 17.11 35.89 5.64
N LEU D 121 16.47 35.88 4.48
CA LEU D 121 15.43 36.92 4.19
C LEU D 121 14.23 36.84 5.15
N LYS D 122 13.85 35.61 5.49
CA LYS D 122 12.85 35.42 6.52
C LYS D 122 13.25 36.03 7.86
N MET D 123 14.50 35.80 8.26
CA MET D 123 15.00 36.37 9.46
C MET D 123 14.94 37.90 9.41
N LYS D 124 15.33 38.48 8.29
CA LYS D 124 15.27 39.95 8.12
C LYS D 124 13.81 40.41 8.35
N GLY D 125 12.87 39.65 7.80
CA GLY D 125 11.46 39.95 8.05
C GLY D 125 11.08 39.85 9.49
N ASP D 126 11.57 38.84 10.18
CA ASP D 126 11.29 38.63 11.62
C ASP D 126 11.84 39.81 12.41
N TYR D 127 13.09 40.18 12.15
CA TYR D 127 13.73 41.22 12.97
C TYR D 127 13.14 42.66 12.72
N PHE D 128 12.76 42.97 11.49
CA PHE D 128 11.99 44.19 11.20
C PHE D 128 10.60 44.11 11.90
N ARG D 129 10.02 42.91 11.99
CA ARG D 129 8.73 42.70 12.71
C ARG D 129 8.90 42.99 14.19
N TYR D 130 10.00 42.51 14.80
CA TYR D 130 10.26 42.82 16.18
C TYR D 130 10.48 44.31 16.38
N LEU D 131 11.22 44.98 15.50
CA LEU D 131 11.37 46.46 15.61
C LEU D 131 10.04 47.18 15.49
N SER D 132 9.17 46.70 14.59
CA SER D 132 7.82 47.28 14.40
C SER D 132 7.02 47.28 15.66
N GLU D 133 7.15 46.23 16.47
CA GLU D 133 6.31 46.06 17.65
C GLU D 133 6.57 47.16 18.64
N VAL D 134 7.72 47.83 18.59
CA VAL D 134 8.04 48.86 19.57
C VAL D 134 8.25 50.21 18.91
N ALA D 135 8.07 50.30 17.61
CA ALA D 135 8.35 51.53 16.93
C ALA D 135 7.10 52.44 17.08
N SER D 136 7.33 53.71 16.96
CA SER D 136 6.24 54.67 16.86
C SER D 136 6.50 55.64 15.71
N GLY D 137 5.44 56.40 15.37
CA GLY D 137 5.54 57.48 14.43
C GLY D 137 5.96 56.97 13.07
N GLU D 138 6.74 57.77 12.35
CA GLU D 138 7.07 57.45 10.98
C GLU D 138 7.95 56.23 10.92
N ASN D 139 8.80 56.04 11.93
CA ASN D 139 9.67 54.93 11.96
C ASN D 139 8.83 53.64 11.93
N LYS D 140 7.64 53.64 12.55
CA LYS D 140 6.81 52.44 12.52
C LYS D 140 6.40 52.02 11.11
N GLN D 141 5.96 52.98 10.32
CA GLN D 141 5.61 52.67 8.92
C GLN D 141 6.78 52.13 8.13
N THR D 142 7.94 52.68 8.37
CA THR D 142 9.16 52.22 7.70
C THR D 142 9.52 50.78 8.09
N THR D 143 9.47 50.47 9.36
CA THR D 143 9.85 49.13 9.82
C THR D 143 8.86 48.09 9.33
N VAL D 144 7.59 48.44 9.30
CA VAL D 144 6.54 47.56 8.84
C VAL D 144 6.73 47.26 7.39
N SER D 145 6.94 48.29 6.61
CA SER D 145 7.19 48.16 5.21
C SER D 145 8.42 47.30 4.91
N ASN D 146 9.50 47.53 5.66
CA ASN D 146 10.71 46.76 5.49
C ASN D 146 10.52 45.25 5.88
N SER D 147 9.69 44.98 6.88
CA SER D 147 9.39 43.61 7.28
C SER D 147 8.63 42.88 6.16
N GLN D 148 7.58 43.54 5.66
CA GLN D 148 6.82 43.02 4.54
C GLN D 148 7.64 42.77 3.33
N GLN D 149 8.50 43.71 2.98
CA GLN D 149 9.35 43.57 1.84
C GLN D 149 10.31 42.40 1.92
N ALA D 150 10.90 42.19 3.07
CA ALA D 150 11.84 41.09 3.25
C ALA D 150 11.13 39.74 3.17
N TYR D 151 10.01 39.64 3.87
CA TYR D 151 9.23 38.43 3.78
C TYR D 151 8.82 38.14 2.34
N GLN D 152 8.32 39.16 1.64
CA GLN D 152 7.85 38.98 0.28
C GLN D 152 8.98 38.52 -0.67
N GLU D 153 10.18 39.08 -0.50
CA GLU D 153 11.34 38.66 -1.30
C GLU D 153 11.73 37.20 -1.02
N ALA D 154 11.74 36.83 0.26
CA ALA D 154 11.90 35.42 0.65
C ALA D 154 10.87 34.55 -0.02
N PHE D 155 9.62 34.98 0.04
CA PHE D 155 8.50 34.15 -0.44
C PHE D 155 8.60 33.89 -1.97
N GLU D 156 8.91 34.93 -2.69
CA GLU D 156 9.05 34.78 -4.15
C GLU D 156 10.18 33.80 -4.52
N ILE D 157 11.32 33.90 -3.85
CA ILE D 157 12.34 32.88 -4.06
C ILE D 157 11.84 31.48 -3.69
N SER D 158 11.22 31.35 -2.53
CA SER D 158 10.83 30.05 -2.05
C SER D 158 9.83 29.38 -3.03
N LYS D 159 8.94 30.19 -3.61
CA LYS D 159 7.94 29.67 -4.52
C LYS D 159 8.53 29.17 -5.85
N LYS D 160 9.61 29.83 -6.25
CA LYS D 160 10.34 29.50 -7.46
C LYS D 160 11.31 28.36 -7.24
N GLU D 161 11.97 28.28 -6.09
CA GLU D 161 13.08 27.41 -6.00
C GLU D 161 12.90 26.29 -5.03
N MET D 162 11.86 26.28 -4.19
CA MET D 162 11.75 25.29 -3.15
C MET D 162 10.42 24.57 -3.25
N GLN D 163 10.40 23.35 -2.72
CA GLN D 163 9.14 22.59 -2.62
C GLN D 163 8.26 23.17 -1.55
N PRO D 164 6.95 23.07 -1.75
CA PRO D 164 5.99 23.61 -0.77
C PRO D 164 6.01 22.93 0.55
N THR D 165 6.51 21.70 0.61
CA THR D 165 6.68 21.00 1.85
C THR D 165 8.02 21.29 2.52
N HIS D 166 8.90 22.07 1.91
CA HIS D 166 10.18 22.32 2.59
C HIS D 166 9.94 23.07 3.90
N PRO D 167 10.50 22.56 5.01
CA PRO D 167 10.26 23.20 6.32
C PRO D 167 10.58 24.68 6.39
N ILE D 168 11.58 25.10 5.64
CA ILE D 168 11.97 26.53 5.68
C ILE D 168 10.89 27.38 4.96
N ARG D 169 10.39 26.89 3.83
CA ARG D 169 9.30 27.52 3.13
C ARG D 169 8.03 27.54 4.01
N LEU D 170 7.76 26.42 4.66
CA LEU D 170 6.59 26.40 5.53
C LEU D 170 6.72 27.35 6.71
N GLY D 171 7.92 27.43 7.28
CA GLY D 171 8.18 28.30 8.41
C GLY D 171 8.04 29.78 8.04
N LEU D 172 8.45 30.09 6.81
CA LEU D 172 8.20 31.42 6.26
C LEU D 172 6.73 31.75 6.15
N ALA D 173 5.97 30.88 5.57
CA ALA D 173 4.54 31.11 5.46
C ALA D 173 3.93 31.31 6.83
N LEU D 174 4.33 30.53 7.84
CA LEU D 174 3.86 30.66 9.22
C LEU D 174 4.13 32.09 9.73
N ASN D 175 5.37 32.52 9.66
CA ASN D 175 5.72 33.84 10.19
C ASN D 175 5.16 34.99 9.39
N PHE D 176 5.06 34.87 8.05
CA PHE D 176 4.52 35.93 7.21
C PHE D 176 3.00 36.08 7.49
N SER D 177 2.32 34.97 7.65
CA SER D 177 0.86 35.04 7.96
C SER D 177 0.65 35.69 9.33
N VAL D 178 1.54 35.38 10.27
CA VAL D 178 1.52 36.03 11.59
C VAL D 178 1.78 37.55 11.55
N PHE D 179 2.71 37.95 10.72
CA PHE D 179 2.92 39.37 10.39
C PHE D 179 1.66 40.06 9.91
N TYR D 180 0.92 39.43 9.03
CA TYR D 180 -0.33 40.07 8.58
C TYR D 180 -1.34 40.11 9.70
N TYR D 181 -1.42 39.04 10.50
CA TYR D 181 -2.38 38.98 11.57
C TYR D 181 -2.08 39.98 12.73
N GLU D 182 -0.84 39.96 13.18
CA GLU D 182 -0.44 40.72 14.38
C GLU D 182 0.02 42.10 14.10
N ILE D 183 0.68 42.31 12.99
CA ILE D 183 1.29 43.60 12.75
C ILE D 183 0.43 44.45 11.83
N LEU D 184 -0.06 43.87 10.76
CA LEU D 184 -0.93 44.66 9.87
C LEU D 184 -2.42 44.59 10.25
N ASN D 185 -2.76 43.85 11.28
CA ASN D 185 -4.12 43.63 11.75
C ASN D 185 -5.04 43.20 10.61
N SER D 186 -4.59 42.23 9.79
CA SER D 186 -5.34 41.77 8.65
C SER D 186 -5.54 40.31 8.74
N PRO D 187 -6.50 39.86 9.57
CA PRO D 187 -6.77 38.43 9.74
C PRO D 187 -7.17 37.76 8.47
N GLU D 188 -7.91 38.41 7.59
CA GLU D 188 -8.32 37.76 6.38
C GLU D 188 -7.15 37.39 5.46
N LYS D 189 -6.24 38.32 5.24
CA LYS D 189 -5.02 38.03 4.44
C LYS D 189 -4.19 36.98 5.15
N ALA D 190 -4.06 37.11 6.47
CA ALA D 190 -3.28 36.12 7.26
C ALA D 190 -3.79 34.73 6.97
N CYS D 191 -5.11 34.54 7.05
CA CYS D 191 -5.73 33.24 6.78
C CYS D 191 -5.51 32.78 5.39
N SER D 192 -5.68 33.69 4.43
CA SER D 192 -5.48 33.34 3.03
C SER D 192 -4.08 32.89 2.73
N LEU D 193 -3.10 33.58 3.28
CA LEU D 193 -1.71 33.18 3.05
C LEU D 193 -1.43 31.79 3.65
N ALA D 194 -1.82 31.60 4.91
CA ALA D 194 -1.61 30.33 5.61
C ALA D 194 -2.29 29.17 4.86
N LYS D 195 -3.53 29.42 4.43
CA LYS D 195 -4.31 28.40 3.69
C LYS D 195 -3.67 28.00 2.36
N THR D 196 -3.25 28.97 1.58
CA THR D 196 -2.51 28.68 0.35
C THR D 196 -1.28 27.84 0.59
N ALA D 197 -0.49 28.24 1.57
CA ALA D 197 0.74 27.52 1.82
C ALA D 197 0.43 26.05 2.26
N PHE D 198 -0.56 25.95 3.13
CA PHE D 198 -1.00 24.65 3.69
C PHE D 198 -1.46 23.74 2.57
N ASP D 199 -2.33 24.27 1.68
CA ASP D 199 -2.84 23.52 0.51
C ASP D 199 -1.79 23.11 -0.48
N GLU D 200 -0.87 24.03 -0.80
CA GLU D 200 0.23 23.65 -1.69
C GLU D 200 1.08 22.51 -1.10
N ALA D 201 1.29 22.53 0.18
CA ALA D 201 2.06 21.48 0.80
C ALA D 201 1.32 20.10 0.78
N ILE D 202 0.04 20.16 1.09
CA ILE D 202 -0.81 18.96 1.04
C ILE D 202 -0.74 18.30 -0.33
N ALA D 203 -0.79 19.09 -1.39
CA ALA D 203 -0.71 18.58 -2.74
C ALA D 203 0.57 17.80 -3.03
N GLU D 204 1.55 17.90 -2.17
CA GLU D 204 2.83 17.20 -2.37
C GLU D 204 3.26 16.27 -1.26
N LEU D 205 2.38 15.95 -0.30
CA LEU D 205 2.81 15.10 0.78
C LEU D 205 3.38 13.72 0.38
N ASP D 206 3.29 13.29 -0.86
CA ASP D 206 4.32 12.27 -1.39
C ASP D 206 5.86 12.65 -1.22
N THR D 207 6.29 12.66 0.07
CA THR D 207 7.65 12.82 0.57
C THR D 207 8.15 11.49 1.23
N LEU D 208 9.47 11.47 1.46
CA LEU D 208 10.32 10.27 1.47
C LEU D 208 11.17 10.00 2.75
N ASN D 209 10.89 8.91 3.43
CA ASN D 209 9.58 8.26 3.35
C ASN D 209 8.70 8.83 4.47
N GLU D 210 8.05 7.93 5.24
CA GLU D 210 7.86 8.15 6.66
C GLU D 210 9.29 8.19 7.22
N GLU D 211 9.77 9.41 7.47
CA GLU D 211 11.20 9.67 7.71
C GLU D 211 11.49 11.16 7.68
N SER D 212 10.91 11.84 6.70
CA SER D 212 10.98 13.29 6.65
C SER D 212 9.59 13.96 6.46
N TYR D 213 8.51 13.14 6.51
CA TYR D 213 7.16 13.70 6.47
C TYR D 213 6.87 14.48 7.72
N LYS D 214 7.27 14.01 8.90
CA LYS D 214 6.91 14.72 10.10
C LYS D 214 7.60 16.05 10.27
N ASP D 215 8.83 16.23 9.75
CA ASP D 215 9.45 17.58 9.70
C ASP D 215 8.54 18.64 9.02
N SER D 216 7.88 18.22 7.97
CA SER D 216 6.92 19.06 7.28
C SER D 216 5.58 19.13 8.00
N THR D 217 5.02 17.98 8.39
CA THR D 217 3.68 17.99 8.93
C THR D 217 3.58 18.74 10.24
N LEU D 218 4.67 18.84 10.99
CA LEU D 218 4.66 19.63 12.22
C LEU D 218 4.40 21.11 11.98
N ILE D 219 5.07 21.70 11.00
CA ILE D 219 4.79 23.11 10.68
C ILE D 219 3.43 23.23 10.02
N MET D 220 3.06 22.30 9.15
CA MET D 220 1.74 22.33 8.55
C MET D 220 0.68 22.38 9.66
N GLN D 221 0.89 21.62 10.70
CA GLN D 221 -0.07 21.64 11.83
C GLN D 221 -0.12 22.95 12.58
N LEU D 222 0.99 23.64 12.64
CA LEU D 222 0.98 24.99 13.21
C LEU D 222 0.21 25.97 12.34
N LEU D 223 0.35 25.85 11.03
CA LEU D 223 -0.44 26.67 10.11
C LEU D 223 -1.93 26.39 10.36
N ARG D 224 -2.28 25.11 10.39
CA ARG D 224 -3.66 24.63 10.61
C ARG D 224 -4.23 25.12 11.91
N ASP D 225 -3.43 25.08 12.96
CA ASP D 225 -3.86 25.61 14.24
C ASP D 225 -4.13 27.09 14.20
N ASN D 226 -3.26 27.89 13.56
CA ASN D 226 -3.57 29.30 13.43
C ASN D 226 -4.83 29.52 12.69
N LEU D 227 -5.00 28.82 11.55
CA LEU D 227 -6.22 28.95 10.74
C LEU D 227 -7.47 28.67 11.60
N THR D 228 -7.46 27.59 12.36
CA THR D 228 -8.66 27.26 13.18
C THR D 228 -8.90 28.33 14.21
N LEU D 229 -7.83 28.76 14.88
CA LEU D 229 -7.97 29.81 15.85
C LEU D 229 -8.49 31.09 15.23
N TRP D 230 -7.88 31.54 14.14
CA TRP D 230 -8.30 32.79 13.54
C TRP D 230 -9.70 32.76 12.93
N THR D 231 -10.13 31.63 12.43
CA THR D 231 -11.44 31.57 11.86
C THR D 231 -12.46 31.65 13.01
N SER D 232 -12.12 31.05 14.14
CA SER D 232 -13.00 31.11 15.29
C SER D 232 -13.13 32.53 15.81
N GLU D 233 -12.21 33.45 15.52
CA GLU D 233 -12.35 34.82 15.98
C GLU D 233 -13.14 35.67 14.99
N ASN D 234 -13.78 35.06 14.00
CA ASN D 234 -14.93 35.69 13.31
C ASN D 234 -15.93 34.66 12.87
#